data_1MIW
#
_entry.id   1MIW
#
_cell.length_a   105.632
_cell.length_b   105.632
_cell.length_c   184.159
_cell.angle_alpha   90.00
_cell.angle_beta   90.00
_cell.angle_gamma   120.00
#
_symmetry.space_group_name_H-M   'P 31 2 1'
#
loop_
_entity.id
_entity.type
_entity.pdbx_description
1 polymer 'tRNA CCA-adding enzyme'
2 non-polymer 'MAGNESIUM ION'
3 non-polymer "ADENOSINE-5'-TRIPHOSPHATE"
4 water water
#
_entity_poly.entity_id   1
_entity_poly.type   'polypeptide(L)'
_entity_poly.pdbx_seq_one_letter_code
;(MSE)KPPFQEALGIIQQLKQHGYDAYFVGGAVRDLLLGRPIGDVDIATSALPEDV(MSE)AIFPKTIDVGSKHGTVVVV
HKGKAYEVTTFKTDGDYEDYRRPESVTFVRSLEEDLKRRDFT(MSE)NAIA(MSE)DEYGTIIDPFGGREAIRRRIIRTV
GEAEKRFREDALR(MSE)(MSE)RAVRFVSELGFALAPDTEQAIVQNAPLLAHISVER(MSE)T(MSE)E(MSE)EKLLG
GPFAARALPLLAETGLNAYLPGLAGKEKQLRLAAAYRWPWLAAREERWALLCHALGVQESRPFLRAWKLPNKVVDEAGAI
LTALADIPRPEAWTNEQLFSAGLERALSVETVRAAFTGAPPGPWHEKLRRRFASLPIKTKGELAVNGKDVIEWVGKPAGP
WVKEALDAIWRAVVNGEVENEKERIYAWL(MSE)ERNRTREKNC
;
_entity_poly.pdbx_strand_id   A,B
#
loop_
_chem_comp.id
_chem_comp.type
_chem_comp.name
_chem_comp.formula
ATP non-polymer ADENOSINE-5'-TRIPHOSPHATE 'C10 H16 N5 O13 P3'
MG non-polymer 'MAGNESIUM ION' 'Mg 2'
#
# COMPACT_ATOMS: atom_id res chain seq x y z
N MSE A 1 16.20 -12.36 -19.65
CA MSE A 1 15.58 -11.82 -18.44
C MSE A 1 16.48 -10.77 -17.82
O MSE A 1 17.40 -11.10 -17.03
CB MSE A 1 15.33 -12.96 -17.45
CG MSE A 1 14.04 -12.85 -16.63
SE MSE A 1 12.41 -12.33 -17.68
CE MSE A 1 11.23 -13.66 -17.29
N LYS A 2 16.22 -9.52 -18.16
CA LYS A 2 16.86 -8.37 -17.49
C LYS A 2 16.56 -8.30 -15.97
N PRO A 3 17.53 -7.84 -15.19
CA PRO A 3 17.36 -7.79 -13.75
C PRO A 3 16.01 -7.23 -13.22
N PRO A 4 15.41 -6.13 -13.72
CA PRO A 4 14.10 -5.73 -13.20
C PRO A 4 13.09 -6.85 -13.30
N PHE A 5 13.09 -7.61 -14.38
CA PHE A 5 12.09 -8.67 -14.53
C PHE A 5 12.50 -9.95 -13.88
N GLN A 6 13.81 -10.17 -13.82
CA GLN A 6 14.35 -11.35 -13.21
C GLN A 6 13.78 -11.48 -11.84
N GLU A 7 13.86 -10.44 -11.02
CA GLU A 7 13.46 -10.59 -9.63
C GLU A 7 11.95 -10.72 -9.51
N ALA A 8 11.20 -10.04 -10.35
CA ALA A 8 9.74 -10.19 -10.33
C ALA A 8 9.22 -11.56 -10.81
N LEU A 9 10.03 -12.29 -11.55
CA LEU A 9 9.64 -13.62 -12.05
C LEU A 9 8.94 -14.49 -11.04
N GLY A 10 9.49 -14.52 -9.82
CA GLY A 10 8.88 -15.25 -8.73
C GLY A 10 7.36 -15.10 -8.72
N ILE A 11 6.88 -13.85 -8.73
CA ILE A 11 5.45 -13.55 -8.68
C ILE A 11 4.70 -14.33 -9.76
N ILE A 12 5.14 -14.20 -11.02
CA ILE A 12 4.51 -14.90 -12.13
C ILE A 12 4.58 -16.36 -11.83
N GLN A 13 5.77 -16.87 -11.60
CA GLN A 13 5.99 -18.30 -11.46
C GLN A 13 5.05 -18.90 -10.44
N GLN A 14 4.90 -18.24 -9.29
CA GLN A 14 3.95 -18.71 -8.27
C GLN A 14 2.47 -18.62 -8.70
N LEU A 15 2.05 -17.53 -9.32
CA LEU A 15 0.68 -17.44 -9.78
C LEU A 15 0.40 -18.56 -10.80
N LYS A 16 1.40 -18.88 -11.61
CA LYS A 16 1.27 -19.95 -12.60
C LYS A 16 1.20 -21.29 -11.91
N GLN A 17 2.01 -21.53 -10.88
CA GLN A 17 2.01 -22.82 -10.20
C GLN A 17 0.67 -23.13 -9.54
N HIS A 18 -0.03 -22.10 -9.07
CA HIS A 18 -1.39 -22.27 -8.55
C HIS A 18 -2.40 -22.23 -9.68
N GLY A 19 -1.90 -22.37 -10.90
CA GLY A 19 -2.70 -22.46 -12.10
C GLY A 19 -3.40 -21.16 -12.40
N TYR A 20 -2.65 -20.07 -12.52
CA TYR A 20 -3.32 -18.83 -12.80
C TYR A 20 -2.93 -18.15 -14.09
N ASP A 21 -1.64 -18.01 -14.38
CA ASP A 21 -1.32 -17.21 -15.57
C ASP A 21 -1.31 -15.67 -15.35
N ALA A 22 -0.11 -15.14 -15.56
CA ALA A 22 0.24 -13.78 -15.28
C ALA A 22 1.33 -13.33 -16.26
N TYR A 23 1.31 -12.03 -16.53
CA TYR A 23 2.20 -11.37 -17.46
C TYR A 23 2.75 -10.08 -16.87
N PHE A 24 3.88 -9.68 -17.46
CA PHE A 24 4.48 -8.41 -17.19
C PHE A 24 3.76 -7.50 -18.15
N VAL A 25 3.28 -6.36 -17.64
CA VAL A 25 2.57 -5.35 -18.44
C VAL A 25 3.07 -3.95 -18.14
N GLY A 26 2.60 -2.98 -18.90
CA GLY A 26 2.94 -1.60 -18.57
C GLY A 26 4.29 -1.02 -19.06
N GLY A 27 4.55 0.20 -18.60
CA GLY A 27 5.71 0.98 -19.04
C GLY A 27 7.00 0.17 -19.09
N ALA A 28 7.12 -0.76 -18.16
CA ALA A 28 8.34 -1.46 -17.99
C ALA A 28 8.57 -2.29 -19.26
N VAL A 29 7.50 -2.87 -19.80
CA VAL A 29 7.67 -3.58 -21.06
C VAL A 29 8.06 -2.61 -22.20
N ARG A 30 7.36 -1.47 -22.28
CA ARG A 30 7.68 -0.38 -23.21
C ARG A 30 9.13 0.01 -23.06
N ASP A 31 9.48 0.52 -21.86
CA ASP A 31 10.88 0.84 -21.51
C ASP A 31 11.91 -0.22 -22.07
N LEU A 32 11.63 -1.49 -21.73
CA LEU A 32 12.50 -2.59 -22.06
C LEU A 32 12.79 -2.55 -23.52
N LEU A 33 11.73 -2.47 -24.33
CA LEU A 33 11.84 -2.47 -25.79
C LEU A 33 12.42 -1.20 -26.28
N LEU A 34 11.99 -0.09 -25.72
CA LEU A 34 12.50 1.15 -26.24
C LEU A 34 13.99 1.22 -25.95
N GLY A 35 14.50 0.39 -25.05
CA GLY A 35 15.88 0.56 -24.62
C GLY A 35 16.09 1.52 -23.46
N ARG A 36 15.02 2.08 -22.86
CA ARG A 36 15.09 3.02 -21.70
C ARG A 36 15.53 2.28 -20.46
N PRO A 37 15.95 2.99 -19.43
CA PRO A 37 16.02 2.42 -18.08
C PRO A 37 14.65 1.96 -17.64
N ILE A 38 14.54 0.79 -17.06
CA ILE A 38 13.21 0.24 -16.89
C ILE A 38 12.47 0.85 -15.76
N GLY A 39 11.30 1.39 -16.03
CA GLY A 39 10.44 1.97 -14.98
C GLY A 39 9.94 0.89 -14.01
N ASP A 40 8.75 1.04 -13.41
CA ASP A 40 8.56 -0.03 -12.46
C ASP A 40 7.68 -1.21 -12.94
N VAL A 41 8.05 -2.43 -12.57
CA VAL A 41 7.48 -3.64 -13.16
C VAL A 41 6.10 -3.92 -12.63
N ASP A 42 5.12 -4.12 -13.50
CA ASP A 42 3.78 -4.51 -12.99
C ASP A 42 3.35 -5.85 -13.49
N ILE A 43 2.50 -6.51 -12.75
CA ILE A 43 2.05 -7.84 -13.18
C ILE A 43 0.53 -7.89 -13.34
N ALA A 44 0.06 -8.34 -14.49
CA ALA A 44 -1.38 -8.61 -14.64
C ALA A 44 -1.60 -10.10 -14.65
N THR A 45 -2.67 -10.57 -14.03
CA THR A 45 -2.91 -11.99 -13.87
C THR A 45 -4.40 -12.26 -13.97
N SER A 46 -4.73 -13.54 -14.10
CA SER A 46 -6.13 -13.94 -14.13
C SER A 46 -6.62 -14.17 -12.72
N ALA A 47 -5.69 -14.36 -11.78
CA ALA A 47 -6.05 -14.55 -10.39
C ALA A 47 -6.71 -13.31 -9.82
N LEU A 48 -7.77 -13.50 -9.03
CA LEU A 48 -8.49 -12.41 -8.33
C LEU A 48 -7.80 -11.94 -7.07
N PRO A 49 -8.03 -10.69 -6.66
CA PRO A 49 -7.28 -10.12 -5.55
C PRO A 49 -7.12 -11.08 -4.36
N GLU A 50 -8.18 -11.78 -3.98
CA GLU A 50 -8.15 -12.63 -2.79
C GLU A 50 -7.27 -13.85 -3.01
N ASP A 51 -7.04 -14.20 -4.26
CA ASP A 51 -6.15 -15.31 -4.56
C ASP A 51 -4.72 -14.85 -4.42
N VAL A 52 -4.44 -13.65 -4.88
CA VAL A 52 -3.10 -13.11 -4.83
C VAL A 52 -2.78 -13.03 -3.34
N MSE A 53 -3.71 -12.46 -2.58
CA MSE A 53 -3.50 -12.25 -1.15
C MSE A 53 -3.33 -13.56 -0.41
O MSE A 53 -2.72 -13.61 0.64
CB MSE A 53 -4.65 -11.46 -0.53
CG MSE A 53 -4.95 -10.20 -1.28
SE MSE A 53 -5.85 -8.86 -0.21
CE MSE A 53 -7.79 -9.34 -0.70
N ALA A 54 -3.88 -14.62 -0.96
CA ALA A 54 -3.78 -15.91 -0.33
C ALA A 54 -2.42 -16.49 -0.60
N ILE A 55 -1.89 -16.30 -1.81
CA ILE A 55 -0.65 -16.94 -2.22
C ILE A 55 0.57 -16.27 -1.58
N PHE A 56 0.59 -14.96 -1.45
CA PHE A 56 1.84 -14.31 -1.06
C PHE A 56 1.83 -13.83 0.39
N PRO A 57 2.94 -14.05 1.09
CA PRO A 57 2.98 -13.76 2.55
C PRO A 57 2.64 -12.29 2.82
N LYS A 58 3.45 -11.30 2.39
CA LYS A 58 3.15 -9.87 2.55
C LYS A 58 2.45 -9.29 1.32
N THR A 59 1.32 -8.64 1.52
CA THR A 59 0.48 -8.09 0.46
C THR A 59 -0.05 -6.85 1.04
N ILE A 60 -0.13 -5.77 0.28
CA ILE A 60 -0.81 -4.57 0.76
C ILE A 60 -2.06 -4.30 -0.04
N ASP A 61 -3.23 -4.21 0.60
CA ASP A 61 -4.46 -3.91 -0.15
C ASP A 61 -4.60 -2.42 -0.46
N VAL A 62 -4.13 -2.02 -1.64
CA VAL A 62 -4.16 -0.65 -2.08
C VAL A 62 -5.57 -0.32 -2.62
N GLY A 63 -6.05 -1.20 -3.49
CA GLY A 63 -7.37 -1.10 -4.10
C GLY A 63 -7.78 -2.40 -4.81
N SER A 64 -8.15 -3.42 -4.01
CA SER A 64 -8.68 -4.72 -4.49
C SER A 64 -10.06 -4.58 -5.14
N LYS A 65 -10.73 -3.49 -4.80
CA LYS A 65 -12.00 -3.08 -5.39
C LYS A 65 -11.96 -2.91 -6.94
N HIS A 66 -10.79 -2.55 -7.50
CA HIS A 66 -10.61 -2.41 -8.96
C HIS A 66 -9.50 -3.29 -9.45
N GLY A 67 -9.15 -4.28 -8.64
CA GLY A 67 -8.28 -5.34 -9.09
C GLY A 67 -6.84 -5.35 -8.64
N THR A 68 -6.39 -4.26 -8.02
CA THR A 68 -4.97 -4.09 -7.74
C THR A 68 -4.61 -4.47 -6.34
N VAL A 69 -3.52 -5.22 -6.22
CA VAL A 69 -3.00 -5.61 -4.93
C VAL A 69 -1.49 -5.45 -5.00
N VAL A 70 -0.87 -4.91 -3.97
CA VAL A 70 0.58 -4.77 -4.00
C VAL A 70 1.16 -5.97 -3.32
N VAL A 71 2.16 -6.58 -3.94
CA VAL A 71 2.79 -7.78 -3.36
C VAL A 71 4.19 -7.39 -3.01
N VAL A 72 4.57 -7.60 -1.76
CA VAL A 72 5.95 -7.39 -1.43
C VAL A 72 6.66 -8.69 -1.70
N HIS A 73 7.57 -8.68 -2.66
CA HIS A 73 8.32 -9.85 -3.06
C HIS A 73 9.81 -9.62 -3.10
N LYS A 74 10.52 -10.50 -2.40
CA LYS A 74 11.96 -10.39 -2.18
C LYS A 74 12.42 -8.95 -1.99
N GLY A 75 11.67 -8.21 -1.21
CA GLY A 75 12.06 -6.89 -0.82
C GLY A 75 11.60 -5.79 -1.73
N LYS A 76 10.68 -6.00 -2.66
CA LYS A 76 10.13 -4.81 -3.35
C LYS A 76 8.64 -4.83 -3.55
N ALA A 77 8.03 -3.68 -3.77
CA ALA A 77 6.60 -3.70 -3.91
C ALA A 77 6.24 -3.84 -5.39
N TYR A 78 5.38 -4.79 -5.73
CA TYR A 78 4.91 -4.84 -7.11
C TYR A 78 3.41 -4.76 -7.18
N GLU A 79 2.90 -4.11 -8.23
CA GLU A 79 1.45 -3.96 -8.39
C GLU A 79 0.89 -5.12 -9.17
N VAL A 80 0.21 -6.05 -8.52
CA VAL A 80 -0.42 -7.15 -9.24
C VAL A 80 -1.91 -6.88 -9.46
N THR A 81 -2.40 -7.01 -10.70
CA THR A 81 -3.81 -6.67 -11.01
C THR A 81 -4.52 -7.66 -11.90
N THR A 82 -5.68 -8.16 -11.45
CA THR A 82 -6.53 -9.06 -12.21
C THR A 82 -6.96 -8.43 -13.50
N PHE A 83 -6.98 -9.19 -14.59
CA PHE A 83 -7.36 -8.67 -15.91
C PHE A 83 -8.73 -7.99 -15.87
N LYS A 84 -8.95 -6.84 -16.47
CA LYS A 84 -10.27 -6.21 -16.28
C LYS A 84 -10.85 -5.54 -17.51
N THR A 85 -12.19 -5.36 -17.58
CA THR A 85 -12.83 -4.59 -18.68
C THR A 85 -13.57 -3.32 -18.22
N ASP A 86 -12.97 -2.17 -18.58
CA ASP A 86 -13.23 -0.83 -18.01
C ASP A 86 -14.66 -0.16 -18.01
N GLY A 87 -15.73 -0.88 -17.58
CA GLY A 87 -17.07 -0.33 -17.42
C GLY A 87 -17.54 0.82 -18.32
N SER A 97 -18.19 0.52 -11.63
CA SER A 97 -17.86 -0.88 -11.36
C SER A 97 -17.01 -1.52 -12.47
N VAL A 98 -16.24 -2.51 -12.04
CA VAL A 98 -15.26 -3.18 -12.90
C VAL A 98 -15.64 -4.67 -13.07
N THR A 99 -15.36 -5.22 -14.26
CA THR A 99 -15.53 -6.64 -14.55
C THR A 99 -14.15 -7.30 -14.74
N PHE A 100 -13.89 -8.37 -13.99
CA PHE A 100 -12.70 -9.22 -14.11
C PHE A 100 -12.90 -10.27 -15.18
N VAL A 101 -11.88 -10.58 -15.98
CA VAL A 101 -12.00 -11.64 -16.99
C VAL A 101 -10.89 -12.68 -16.85
N ARG A 102 -10.75 -13.52 -17.87
CA ARG A 102 -9.61 -14.44 -17.92
C ARG A 102 -8.80 -14.16 -19.18
N SER A 103 -9.17 -13.14 -19.95
CA SER A 103 -8.47 -12.84 -21.20
C SER A 103 -7.40 -11.77 -21.04
N LEU A 104 -6.12 -12.09 -21.30
CA LEU A 104 -5.08 -11.06 -21.25
C LEU A 104 -5.37 -10.03 -22.32
N GLU A 105 -5.85 -10.52 -23.45
CA GLU A 105 -6.14 -9.65 -24.56
C GLU A 105 -7.16 -8.58 -24.17
N GLU A 106 -8.19 -8.96 -23.44
CA GLU A 106 -9.19 -7.98 -22.99
C GLU A 106 -8.55 -6.92 -22.10
N ASP A 107 -7.62 -7.33 -21.24
CA ASP A 107 -6.93 -6.41 -20.33
C ASP A 107 -6.03 -5.41 -21.02
N LEU A 108 -5.45 -5.79 -22.16
CA LEU A 108 -4.59 -4.90 -22.88
C LEU A 108 -5.45 -3.96 -23.66
N LYS A 109 -6.52 -4.47 -24.26
CA LYS A 109 -7.43 -3.63 -25.03
C LYS A 109 -7.88 -2.33 -24.34
N ARG A 110 -7.87 -2.30 -23.01
CA ARG A 110 -8.41 -1.18 -22.26
C ARG A 110 -7.37 -0.14 -21.83
N ARG A 111 -6.14 -0.29 -22.33
CA ARG A 111 -5.04 0.53 -21.87
C ARG A 111 -4.91 1.73 -22.79
N ASP A 112 -4.21 2.78 -22.39
CA ASP A 112 -4.23 4.05 -23.13
C ASP A 112 -3.55 4.08 -24.49
N PHE A 113 -2.28 3.74 -24.57
CA PHE A 113 -1.65 3.81 -25.86
C PHE A 113 -0.98 2.51 -26.25
N THR A 114 -0.76 2.28 -27.55
CA THR A 114 -0.24 0.98 -27.99
C THR A 114 1.12 0.63 -27.38
N MSE A 115 2.02 1.59 -27.26
CA MSE A 115 3.25 1.35 -26.54
C MSE A 115 2.97 0.83 -25.15
O MSE A 115 3.59 -0.15 -24.71
CB MSE A 115 4.04 2.61 -26.44
CG MSE A 115 3.25 3.70 -25.84
SE MSE A 115 4.35 5.29 -25.85
CE MSE A 115 3.61 6.33 -24.21
N ASN A 116 2.01 1.43 -24.44
CA ASN A 116 1.68 0.95 -23.13
C ASN A 116 0.91 -0.36 -23.05
N ALA A 117 0.58 -0.94 -24.20
CA ALA A 117 -0.31 -2.12 -24.19
C ALA A 117 0.38 -3.36 -24.60
N ILE A 118 1.67 -3.46 -24.33
CA ILE A 118 2.35 -4.70 -24.63
C ILE A 118 2.43 -5.55 -23.41
N ALA A 119 2.86 -6.79 -23.54
CA ALA A 119 2.89 -7.72 -22.44
C ALA A 119 4.03 -8.73 -22.62
N MSE A 120 4.63 -9.22 -21.54
CA MSE A 120 5.66 -10.22 -21.73
C MSE A 120 5.42 -11.37 -20.79
O MSE A 120 4.98 -11.17 -19.64
CB MSE A 120 7.02 -9.62 -21.48
CG MSE A 120 8.13 -10.46 -21.91
SE MSE A 120 9.83 -9.65 -21.38
CE MSE A 120 11.04 -9.83 -23.00
N ASP A 121 5.65 -12.58 -21.28
CA ASP A 121 5.34 -13.79 -20.49
C ASP A 121 6.57 -14.30 -19.73
N GLU A 122 6.35 -15.25 -18.83
CA GLU A 122 7.44 -15.74 -18.03
C GLU A 122 8.69 -16.14 -18.82
N TYR A 123 8.55 -16.46 -20.10
CA TYR A 123 9.69 -16.92 -20.89
C TYR A 123 10.32 -15.86 -21.74
N GLY A 124 9.85 -14.63 -21.59
CA GLY A 124 10.44 -13.51 -22.29
C GLY A 124 9.79 -13.23 -23.63
N THR A 125 8.67 -13.89 -23.89
CA THR A 125 7.99 -13.69 -25.16
C THR A 125 7.22 -12.37 -25.20
N ILE A 126 7.44 -11.54 -26.22
CA ILE A 126 6.57 -10.36 -26.35
C ILE A 126 5.16 -10.68 -26.87
N ILE A 127 4.14 -10.42 -26.06
CA ILE A 127 2.78 -10.52 -26.58
C ILE A 127 2.24 -9.15 -26.94
N ASP A 128 1.98 -8.92 -28.22
CA ASP A 128 1.70 -7.55 -28.68
C ASP A 128 0.58 -7.50 -29.71
N PRO A 129 -0.65 -7.57 -29.24
CA PRO A 129 -1.77 -7.65 -30.17
C PRO A 129 -2.14 -6.28 -30.75
N PHE A 130 -1.64 -5.18 -30.22
CA PHE A 130 -2.08 -3.96 -30.85
C PHE A 130 -1.06 -3.15 -31.61
N GLY A 131 0.10 -3.75 -31.91
CA GLY A 131 1.16 -3.09 -32.65
C GLY A 131 1.86 -2.01 -31.84
N GLY A 132 2.03 -2.29 -30.56
CA GLY A 132 2.77 -1.38 -29.71
C GLY A 132 4.21 -1.41 -30.15
N ARG A 133 4.69 -2.61 -30.41
CA ARG A 133 6.05 -2.79 -30.83
C ARG A 133 6.38 -1.92 -32.05
N GLU A 134 5.40 -1.80 -32.95
CA GLU A 134 5.53 -0.97 -34.17
C GLU A 134 5.54 0.49 -33.82
N ALA A 135 4.61 0.85 -32.97
CA ALA A 135 4.50 2.20 -32.53
C ALA A 135 5.78 2.62 -31.78
N ILE A 136 6.51 1.69 -31.14
CA ILE A 136 7.78 2.04 -30.49
C ILE A 136 8.84 2.27 -31.57
N ARG A 137 8.86 1.39 -32.56
CA ARG A 137 9.84 1.50 -33.66
C ARG A 137 9.71 2.84 -34.36
N ARG A 138 8.47 3.33 -34.43
CA ARG A 138 8.17 4.57 -35.11
C ARG A 138 8.26 5.74 -34.16
N ARG A 139 8.27 5.49 -32.87
CA ARG A 139 8.21 6.54 -31.86
C ARG A 139 6.93 7.36 -31.95
N ILE A 140 5.78 6.69 -31.83
CA ILE A 140 4.46 7.34 -31.90
C ILE A 140 3.52 7.03 -30.72
N ILE A 141 2.91 8.06 -30.17
CA ILE A 141 1.86 7.80 -29.22
C ILE A 141 0.54 7.69 -29.96
N ARG A 142 -0.09 6.53 -29.96
CA ARG A 142 -1.37 6.30 -30.64
C ARG A 142 -2.24 5.62 -29.65
N THR A 143 -3.48 6.06 -29.61
CA THR A 143 -4.50 5.46 -28.77
C THR A 143 -4.77 3.99 -29.08
N VAL A 144 -5.01 3.16 -28.08
CA VAL A 144 -5.54 1.83 -28.38
C VAL A 144 -7.01 1.92 -28.72
N GLY A 145 -7.33 1.72 -29.99
CA GLY A 145 -8.68 1.86 -30.49
C GLY A 145 -8.98 3.26 -30.98
N GLU A 146 -10.26 3.63 -31.01
CA GLU A 146 -10.68 4.95 -31.46
C GLU A 146 -10.23 6.09 -30.54
N ALA A 147 -9.34 6.93 -31.06
CA ALA A 147 -8.85 8.09 -30.32
C ALA A 147 -9.96 8.87 -29.60
N GLU A 148 -11.05 9.16 -30.29
CA GLU A 148 -12.15 9.89 -29.70
C GLU A 148 -12.79 9.17 -28.51
N LYS A 149 -13.23 7.94 -28.71
CA LYS A 149 -13.93 7.16 -27.69
C LYS A 149 -13.10 7.10 -26.42
N ARG A 150 -11.80 6.85 -26.58
CA ARG A 150 -10.93 6.60 -25.46
C ARG A 150 -10.83 7.81 -24.57
N PHE A 151 -10.76 8.98 -25.19
CA PHE A 151 -10.69 10.24 -24.47
C PHE A 151 -11.99 10.60 -23.81
N ARG A 152 -13.11 10.12 -24.35
CA ARG A 152 -14.41 10.34 -23.70
C ARG A 152 -14.44 9.49 -22.44
N GLU A 153 -13.98 8.24 -22.54
CA GLU A 153 -13.97 7.31 -21.41
C GLU A 153 -13.20 7.87 -20.20
N ASP A 154 -12.11 8.58 -20.45
CA ASP A 154 -11.28 9.07 -19.37
C ASP A 154 -10.43 10.17 -19.92
N ALA A 155 -10.92 11.39 -19.78
CA ALA A 155 -10.27 12.55 -20.37
C ALA A 155 -8.81 12.73 -19.97
N LEU A 156 -8.42 12.19 -18.82
CA LEU A 156 -7.05 12.33 -18.38
C LEU A 156 -6.03 11.76 -19.38
N ARG A 157 -6.46 10.79 -20.16
CA ARG A 157 -5.61 10.13 -21.13
C ARG A 157 -4.93 11.15 -22.00
N MSE A 158 -5.64 12.22 -22.32
CA MSE A 158 -5.09 13.30 -23.14
C MSE A 158 -3.87 13.93 -22.52
O MSE A 158 -2.86 14.21 -23.20
CB MSE A 158 -6.16 14.34 -23.35
CG MSE A 158 -7.46 13.76 -23.85
SE MSE A 158 -8.67 15.10 -24.62
CE MSE A 158 -9.06 16.13 -23.04
N MSE A 159 -3.96 14.17 -21.22
CA MSE A 159 -2.86 14.71 -20.44
C MSE A 159 -1.64 13.79 -20.48
O MSE A 159 -0.52 14.24 -20.68
CB MSE A 159 -3.30 14.91 -18.99
CG MSE A 159 -3.53 16.39 -18.59
SE MSE A 159 -1.88 17.54 -18.74
CE MSE A 159 -1.78 18.10 -16.87
N ARG A 160 -1.88 12.49 -20.35
CA ARG A 160 -0.79 11.53 -20.38
C ARG A 160 -0.05 11.55 -21.71
N ALA A 161 -0.85 11.59 -22.76
CA ALA A 161 -0.32 11.56 -24.10
C ALA A 161 0.69 12.69 -24.20
N VAL A 162 0.34 13.85 -23.66
CA VAL A 162 1.24 14.99 -23.82
C VAL A 162 2.46 14.83 -22.94
N ARG A 163 2.27 14.44 -21.68
CA ARG A 163 3.42 14.19 -20.83
C ARG A 163 4.33 13.11 -21.43
N PHE A 164 3.75 12.07 -22.06
CA PHE A 164 4.58 11.05 -22.66
C PHE A 164 5.39 11.67 -23.76
N VAL A 165 4.82 12.68 -24.38
CA VAL A 165 5.58 13.38 -25.41
C VAL A 165 6.81 13.90 -24.73
N SER A 166 6.60 14.57 -23.60
CA SER A 166 7.68 15.12 -22.80
C SER A 166 8.65 14.08 -22.28
N GLU A 167 8.15 12.92 -21.94
CA GLU A 167 9.02 11.93 -21.36
C GLU A 167 9.81 11.11 -22.37
N LEU A 168 9.30 10.92 -23.57
CA LEU A 168 10.00 10.03 -24.51
C LEU A 168 10.37 10.65 -25.85
N GLY A 169 9.90 11.87 -26.08
CA GLY A 169 10.10 12.50 -27.37
C GLY A 169 9.45 11.78 -28.55
N PHE A 170 8.46 10.93 -28.31
CA PHE A 170 7.63 10.38 -29.37
C PHE A 170 6.80 11.51 -29.85
N ALA A 171 6.26 11.38 -31.05
CA ALA A 171 5.30 12.37 -31.53
C ALA A 171 3.89 11.80 -31.42
N LEU A 172 2.90 12.68 -31.29
CA LEU A 172 1.52 12.24 -31.27
C LEU A 172 1.12 11.80 -32.67
N ALA A 173 0.32 10.76 -32.78
CA ALA A 173 -0.20 10.35 -34.07
C ALA A 173 -1.17 11.39 -34.58
N PRO A 174 -1.20 11.63 -35.89
CA PRO A 174 -1.99 12.73 -36.42
C PRO A 174 -3.42 12.67 -35.93
N ASP A 175 -4.09 11.51 -36.02
CA ASP A 175 -5.50 11.40 -35.61
C ASP A 175 -5.74 11.43 -34.10
N THR A 176 -4.77 10.97 -33.33
CA THR A 176 -4.86 11.04 -31.88
C THR A 176 -4.77 12.48 -31.43
N GLU A 177 -3.78 13.19 -31.93
CA GLU A 177 -3.65 14.62 -31.67
C GLU A 177 -4.96 15.34 -31.99
N GLN A 178 -5.48 15.13 -33.20
CA GLN A 178 -6.73 15.77 -33.65
C GLN A 178 -7.83 15.56 -32.62
N ALA A 179 -7.98 14.31 -32.19
CA ALA A 179 -8.94 13.98 -31.15
C ALA A 179 -8.78 14.82 -29.87
N ILE A 180 -7.55 15.06 -29.44
CA ILE A 180 -7.34 15.91 -28.26
C ILE A 180 -7.94 17.30 -28.42
N VAL A 181 -7.62 17.99 -29.53
CA VAL A 181 -8.13 19.35 -29.75
C VAL A 181 -9.65 19.34 -29.81
N GLN A 182 -10.19 18.30 -30.44
CA GLN A 182 -11.64 18.13 -30.58
C GLN A 182 -12.29 17.72 -29.25
N ASN A 183 -11.51 17.12 -28.36
CA ASN A 183 -12.09 16.66 -27.10
C ASN A 183 -11.46 17.29 -25.87
N ALA A 184 -10.75 18.38 -26.08
CA ALA A 184 -10.16 19.12 -24.98
C ALA A 184 -11.08 19.38 -23.77
N PRO A 185 -12.32 19.88 -23.96
CA PRO A 185 -13.12 20.36 -22.82
C PRO A 185 -13.16 19.35 -21.70
N LEU A 186 -13.29 18.07 -22.04
CA LEU A 186 -13.64 17.00 -21.09
C LEU A 186 -12.73 16.93 -19.86
N LEU A 187 -11.65 17.70 -19.88
CA LEU A 187 -10.70 17.77 -18.77
C LEU A 187 -11.28 18.29 -17.48
N ALA A 188 -12.03 19.39 -17.53
CA ALA A 188 -12.54 20.03 -16.32
C ALA A 188 -13.41 19.11 -15.47
N HIS A 189 -13.67 17.90 -15.97
CA HIS A 189 -14.36 16.85 -15.22
C HIS A 189 -13.39 16.02 -14.37
N ILE A 190 -12.11 16.06 -14.73
CA ILE A 190 -11.03 15.37 -14.00
C ILE A 190 -10.50 16.18 -12.85
N SER A 191 -10.36 15.56 -11.69
CA SER A 191 -10.05 16.31 -10.48
C SER A 191 -8.62 16.85 -10.55
N VAL A 192 -8.43 18.08 -10.12
CA VAL A 192 -7.14 18.75 -10.24
C VAL A 192 -5.97 17.88 -9.84
N GLU A 193 -6.03 17.30 -8.64
CA GLU A 193 -4.95 16.46 -8.08
C GLU A 193 -4.27 15.57 -9.11
N ARG A 194 -5.12 14.87 -9.88
CA ARG A 194 -4.72 13.98 -10.95
C ARG A 194 -3.99 14.69 -12.08
N MSE A 195 -4.43 15.90 -12.45
CA MSE A 195 -3.72 16.68 -13.46
C MSE A 195 -2.39 17.14 -12.95
O MSE A 195 -1.45 17.25 -13.69
CB MSE A 195 -4.51 17.90 -13.88
CG MSE A 195 -5.97 17.65 -14.14
SE MSE A 195 -6.94 19.23 -14.87
CE MSE A 195 -7.76 20.09 -13.29
N THR A 196 -2.31 17.40 -11.66
CA THR A 196 -1.08 17.90 -11.08
C THR A 196 0.07 16.94 -11.22
N MSE A 197 -0.15 15.66 -11.00
CA MSE A 197 0.95 14.70 -11.06
C MSE A 197 1.45 14.50 -12.50
O MSE A 197 2.62 14.26 -12.72
CB MSE A 197 0.58 13.37 -10.41
CG MSE A 197 -0.50 13.53 -9.33
SE MSE A 197 -1.26 11.82 -8.43
CE MSE A 197 -2.93 11.27 -9.64
N GLU A 198 0.54 14.62 -13.46
CA GLU A 198 0.91 14.60 -14.85
C GLU A 198 1.74 15.85 -15.14
N MSE A 199 1.23 17.03 -14.78
CA MSE A 199 1.98 18.23 -15.08
C MSE A 199 3.41 18.17 -14.55
O MSE A 199 4.36 18.59 -15.24
CB MSE A 199 1.31 19.44 -14.52
CG MSE A 199 2.12 20.65 -14.81
SE MSE A 199 1.82 21.21 -16.63
CE MSE A 199 2.73 19.96 -17.60
N GLU A 200 3.54 17.65 -13.34
CA GLU A 200 4.82 17.55 -12.69
C GLU A 200 5.76 16.71 -13.48
N LYS A 201 5.38 15.47 -13.81
CA LYS A 201 6.16 14.64 -14.76
C LYS A 201 6.49 15.44 -16.03
N LEU A 202 5.45 15.99 -16.67
CA LEU A 202 5.61 16.75 -17.90
C LEU A 202 6.74 17.72 -17.73
N LEU A 203 6.72 18.53 -16.66
CA LEU A 203 7.77 19.53 -16.47
C LEU A 203 9.16 18.92 -16.30
N GLY A 204 9.25 17.69 -15.80
CA GLY A 204 10.55 17.06 -15.67
C GLY A 204 10.93 16.13 -16.83
N GLY A 205 10.16 16.18 -17.92
CA GLY A 205 10.56 15.44 -19.10
C GLY A 205 11.87 16.02 -19.62
N PRO A 206 12.64 15.21 -20.34
CA PRO A 206 13.77 15.70 -21.14
C PRO A 206 13.26 16.46 -22.34
N PHE A 207 12.03 16.19 -22.77
CA PHE A 207 11.44 16.90 -23.89
C PHE A 207 10.39 17.93 -23.43
N ALA A 208 10.38 18.21 -22.14
CA ALA A 208 9.49 19.25 -21.64
C ALA A 208 9.48 20.42 -22.59
N ALA A 209 10.67 20.69 -23.15
CA ALA A 209 10.86 21.82 -24.04
C ALA A 209 9.80 21.87 -25.17
N ARG A 210 9.38 20.69 -25.65
CA ARG A 210 8.33 20.66 -26.68
C ARG A 210 6.98 20.15 -26.19
N ALA A 211 6.88 19.80 -24.92
CA ALA A 211 5.60 19.34 -24.44
C ALA A 211 4.73 20.52 -24.05
N LEU A 212 5.35 21.52 -23.45
CA LEU A 212 4.61 22.72 -23.08
C LEU A 212 3.93 23.39 -24.30
N PRO A 213 4.65 23.60 -25.39
CA PRO A 213 4.01 24.15 -26.57
C PRO A 213 2.81 23.26 -26.95
N LEU A 214 3.05 21.96 -27.00
CA LEU A 214 2.01 21.01 -27.35
C LEU A 214 0.75 21.24 -26.53
N LEU A 215 0.97 21.48 -25.25
CA LEU A 215 -0.11 21.83 -24.33
C LEU A 215 -0.94 22.96 -24.90
N ALA A 216 -0.35 23.81 -25.75
CA ALA A 216 -1.11 24.91 -26.34
C ALA A 216 -1.71 24.57 -27.70
N GLU A 217 -0.91 24.04 -28.64
CA GLU A 217 -1.44 23.66 -29.95
C GLU A 217 -2.53 22.58 -29.88
N THR A 218 -2.61 21.87 -28.77
CA THR A 218 -3.81 21.10 -28.48
C THR A 218 -4.70 22.02 -27.67
N GLY A 219 -5.97 21.67 -27.54
CA GLY A 219 -6.86 22.51 -26.76
C GLY A 219 -6.65 22.46 -25.26
N LEU A 220 -5.70 21.66 -24.75
CA LEU A 220 -5.61 21.30 -23.33
C LEU A 220 -5.39 22.48 -22.41
N ASN A 221 -4.49 23.35 -22.81
CA ASN A 221 -4.39 24.65 -22.20
C ASN A 221 -5.79 25.19 -21.92
N ALA A 222 -5.96 25.88 -20.80
CA ALA A 222 -7.25 26.55 -20.53
C ALA A 222 -8.33 25.53 -20.24
N TYR A 223 -7.89 24.42 -19.67
CA TYR A 223 -8.74 23.61 -18.80
C TYR A 223 -7.82 23.13 -17.71
N LEU A 224 -6.55 23.49 -17.84
CA LEU A 224 -5.57 23.29 -16.79
C LEU A 224 -5.48 24.57 -16.01
N PRO A 225 -5.43 24.48 -14.69
CA PRO A 225 -5.46 25.64 -13.78
C PRO A 225 -4.47 26.74 -14.02
N GLY A 226 -5.00 27.94 -14.25
CA GLY A 226 -4.17 29.13 -14.41
C GLY A 226 -3.47 29.21 -15.74
N LEU A 227 -3.77 28.27 -16.62
CA LEU A 227 -3.22 28.31 -17.97
C LEU A 227 -4.34 28.76 -18.90
N ALA A 228 -5.04 29.81 -18.52
CA ALA A 228 -6.08 30.36 -19.35
C ALA A 228 -5.41 31.22 -20.40
N GLY A 229 -5.62 30.91 -21.67
CA GLY A 229 -5.06 31.71 -22.75
C GLY A 229 -3.59 32.15 -22.66
N LYS A 230 -2.78 31.40 -21.92
CA LYS A 230 -1.33 31.64 -21.89
C LYS A 230 -0.61 30.99 -23.08
N GLU A 231 -1.36 30.77 -24.16
CA GLU A 231 -0.85 30.16 -25.37
C GLU A 231 0.46 30.78 -25.81
N LYS A 232 0.51 32.11 -25.92
CA LYS A 232 1.73 32.80 -26.37
C LYS A 232 2.89 32.36 -25.50
N GLN A 233 2.64 32.34 -24.20
CA GLN A 233 3.64 32.11 -23.20
C GLN A 233 4.21 30.69 -23.22
N LEU A 234 3.31 29.72 -23.35
CA LEU A 234 3.69 28.32 -23.46
C LEU A 234 4.51 28.02 -24.70
N ARG A 235 4.32 28.79 -25.77
CA ARG A 235 5.11 28.54 -26.94
C ARG A 235 6.54 29.02 -26.69
N LEU A 236 6.71 30.25 -26.20
CA LEU A 236 8.05 30.77 -25.96
C LEU A 236 8.79 29.92 -24.93
N ALA A 237 8.03 29.14 -24.16
CA ALA A 237 8.63 28.25 -23.15
C ALA A 237 9.59 27.25 -23.75
N ALA A 238 9.44 27.00 -25.04
CA ALA A 238 10.33 26.08 -25.74
C ALA A 238 11.81 26.44 -25.60
N ALA A 239 12.11 27.68 -25.27
CA ALA A 239 13.49 28.13 -25.31
C ALA A 239 14.16 27.93 -23.96
N TYR A 240 13.38 27.57 -22.97
CA TYR A 240 13.92 27.39 -21.64
C TYR A 240 14.64 26.05 -21.47
N ARG A 241 15.82 26.09 -20.86
CA ARG A 241 16.70 24.95 -20.60
C ARG A 241 16.10 24.01 -19.49
N TRP A 242 14.81 23.64 -19.62
CA TRP A 242 14.05 22.89 -18.58
C TRP A 242 14.81 21.76 -17.96
N PRO A 243 15.27 20.82 -18.76
CA PRO A 243 16.06 19.73 -18.19
C PRO A 243 17.21 20.09 -17.26
N TRP A 244 17.64 21.33 -16.96
CA TRP A 244 18.63 21.37 -15.84
C TRP A 244 18.03 21.55 -14.48
N LEU A 245 16.78 21.99 -14.46
CA LEU A 245 16.01 21.97 -13.25
C LEU A 245 16.09 20.57 -12.69
N ALA A 246 16.61 20.49 -11.46
CA ALA A 246 16.83 19.22 -10.78
C ALA A 246 15.74 18.93 -9.71
N ALA A 247 14.90 19.92 -9.44
CA ALA A 247 13.93 19.84 -8.34
C ALA A 247 12.51 20.34 -8.68
N ARG A 248 11.55 19.73 -8.00
CA ARG A 248 10.17 20.11 -8.05
C ARG A 248 9.92 21.63 -7.96
N GLU A 249 10.46 22.28 -6.94
CA GLU A 249 10.26 23.70 -6.73
C GLU A 249 10.88 24.51 -7.87
N GLU A 250 12.10 24.11 -8.25
CA GLU A 250 12.80 24.75 -9.31
C GLU A 250 11.90 24.74 -10.53
N ARG A 251 11.20 23.63 -10.74
CA ARG A 251 10.31 23.47 -11.90
C ARG A 251 9.15 24.45 -11.87
N TRP A 252 8.26 24.25 -10.91
CA TRP A 252 7.16 25.16 -10.75
C TRP A 252 7.60 26.61 -10.86
N ALA A 253 8.67 26.98 -10.14
CA ALA A 253 9.22 28.35 -10.19
C ALA A 253 9.37 28.81 -11.63
N LEU A 254 10.18 28.07 -12.36
CA LEU A 254 10.42 28.41 -13.72
C LEU A 254 9.13 28.43 -14.52
N LEU A 255 8.17 27.56 -14.21
CA LEU A 255 6.93 27.56 -14.98
C LEU A 255 6.24 28.88 -14.76
N CYS A 256 6.25 29.33 -13.53
CA CYS A 256 5.70 30.63 -13.26
C CYS A 256 6.46 31.64 -14.11
N HIS A 257 7.75 31.81 -13.84
CA HIS A 257 8.53 32.82 -14.53
C HIS A 257 8.19 32.81 -16.01
N ALA A 258 8.06 31.63 -16.61
CA ALA A 258 7.85 31.56 -18.04
C ALA A 258 6.44 31.89 -18.45
N LEU A 259 5.49 31.81 -17.54
CA LEU A 259 4.15 32.21 -17.89
C LEU A 259 3.90 33.66 -17.52
N GLY A 260 4.95 34.35 -17.06
CA GLY A 260 4.84 35.71 -16.53
C GLY A 260 3.87 35.76 -15.36
N VAL A 261 3.87 34.72 -14.51
CA VAL A 261 2.89 34.61 -13.45
C VAL A 261 3.20 35.67 -12.40
N GLN A 262 2.17 36.45 -12.08
CA GLN A 262 2.31 37.62 -11.23
C GLN A 262 2.50 37.22 -9.77
N GLU A 263 1.46 36.67 -9.16
CA GLU A 263 1.55 36.24 -7.79
C GLU A 263 1.64 34.74 -7.78
N SER A 264 2.77 34.22 -7.32
CA SER A 264 2.98 32.77 -7.37
C SER A 264 1.93 31.98 -6.60
N ARG A 265 1.62 32.47 -5.42
CA ARG A 265 0.79 31.78 -4.43
C ARG A 265 -0.63 31.27 -4.85
N PRO A 266 -1.51 32.12 -5.40
CA PRO A 266 -2.83 31.62 -5.81
C PRO A 266 -2.69 30.60 -6.94
N PHE A 267 -1.66 30.74 -7.76
CA PHE A 267 -1.47 29.89 -8.93
C PHE A 267 -1.07 28.48 -8.52
N LEU A 268 0.08 28.36 -7.87
CA LEU A 268 0.55 27.09 -7.41
C LEU A 268 -0.43 26.42 -6.50
N ARG A 269 -1.33 27.19 -5.95
CA ARG A 269 -2.28 26.66 -5.01
C ARG A 269 -3.41 26.04 -5.78
N ALA A 270 -3.80 26.70 -6.87
CA ALA A 270 -4.87 26.22 -7.74
C ALA A 270 -4.48 24.88 -8.35
N TRP A 271 -3.19 24.58 -8.35
CA TRP A 271 -2.70 23.29 -8.79
C TRP A 271 -2.71 22.31 -7.64
N LYS A 272 -3.15 22.74 -6.48
CA LYS A 272 -3.24 21.84 -5.31
C LYS A 272 -1.92 21.16 -4.87
N LEU A 273 -0.79 21.73 -5.28
CA LEU A 273 0.54 21.32 -4.77
C LEU A 273 0.54 21.46 -3.26
N PRO A 274 1.36 20.70 -2.54
CA PRO A 274 1.42 20.80 -1.07
C PRO A 274 2.03 22.12 -0.62
N ASN A 275 1.76 22.55 0.60
CA ASN A 275 2.08 23.95 0.95
C ASN A 275 3.55 24.30 0.86
N LYS A 276 4.38 23.38 1.38
CA LYS A 276 5.82 23.61 1.48
C LYS A 276 6.46 23.92 0.12
N VAL A 277 5.96 23.25 -0.90
CA VAL A 277 6.38 23.48 -2.28
C VAL A 277 5.92 24.86 -2.72
N VAL A 278 4.64 25.15 -2.54
CA VAL A 278 4.11 26.43 -2.98
C VAL A 278 4.93 27.55 -2.38
N ASP A 279 5.18 27.44 -1.08
CA ASP A 279 6.02 28.37 -0.34
C ASP A 279 7.41 28.54 -0.93
N GLU A 280 8.24 27.51 -0.76
CA GLU A 280 9.54 27.42 -1.44
C GLU A 280 9.67 27.84 -2.95
N ALA A 281 8.69 27.49 -3.77
CA ALA A 281 8.69 27.95 -5.15
C ALA A 281 8.65 29.49 -5.16
N GLY A 282 7.68 30.03 -4.41
CA GLY A 282 7.51 31.46 -4.28
C GLY A 282 8.80 32.08 -3.76
N ALA A 283 9.43 31.41 -2.80
CA ALA A 283 10.66 31.91 -2.23
C ALA A 283 11.69 32.13 -3.33
N ILE A 284 11.91 31.10 -4.13
CA ILE A 284 12.85 31.13 -5.24
C ILE A 284 12.46 32.21 -6.21
N LEU A 285 11.18 32.23 -6.56
CA LEU A 285 10.69 33.19 -7.51
C LEU A 285 10.97 34.62 -7.04
N THR A 286 10.72 34.86 -5.74
CA THR A 286 10.90 36.17 -5.13
C THR A 286 12.36 36.58 -5.18
N ALA A 287 13.22 35.72 -4.62
CA ALA A 287 14.64 35.98 -4.58
C ALA A 287 15.14 36.37 -5.96
N LEU A 288 14.57 35.72 -6.97
CA LEU A 288 14.96 35.93 -8.36
C LEU A 288 14.60 37.34 -8.84
N ALA A 289 13.42 37.84 -8.42
CA ALA A 289 13.04 39.22 -8.71
C ALA A 289 13.93 40.22 -7.95
N ASP A 290 14.39 39.81 -6.76
CA ASP A 290 15.28 40.62 -5.93
C ASP A 290 16.77 40.52 -6.29
N ILE A 291 17.19 39.46 -6.94
CA ILE A 291 18.57 39.45 -7.38
C ILE A 291 18.63 39.22 -8.89
N PRO A 292 18.84 40.27 -9.68
CA PRO A 292 18.78 40.12 -11.14
C PRO A 292 20.10 39.66 -11.75
N ARG A 293 21.19 39.61 -10.99
CA ARG A 293 22.49 39.11 -11.51
C ARG A 293 23.20 38.30 -10.43
N PRO A 294 23.80 37.15 -10.79
CA PRO A 294 24.50 36.28 -9.83
C PRO A 294 25.55 36.97 -8.93
N GLU A 295 26.25 37.96 -9.47
CA GLU A 295 27.28 38.70 -8.71
C GLU A 295 26.62 39.52 -7.61
N ALA A 296 25.33 39.82 -7.78
CA ALA A 296 24.60 40.75 -6.93
C ALA A 296 24.21 40.22 -5.55
N TRP A 297 24.47 38.94 -5.30
CA TRP A 297 24.10 38.26 -4.05
C TRP A 297 24.85 38.88 -2.89
N THR A 298 24.16 39.11 -1.78
CA THR A 298 24.73 39.76 -0.58
C THR A 298 24.82 38.80 0.54
N ASN A 299 25.87 38.97 1.36
CA ASN A 299 25.95 38.16 2.54
C ASN A 299 24.58 38.10 3.16
N GLU A 300 23.91 39.24 3.21
CA GLU A 300 22.60 39.33 3.82
C GLU A 300 21.63 38.35 3.18
N GLN A 301 21.44 38.48 1.88
CA GLN A 301 20.38 37.74 1.18
C GLN A 301 20.69 36.27 1.09
N LEU A 302 21.98 35.95 0.99
CA LEU A 302 22.43 34.57 0.96
C LEU A 302 22.18 33.95 2.30
N PHE A 303 22.58 34.65 3.35
CA PHE A 303 22.32 34.15 4.68
C PHE A 303 20.82 33.93 4.88
N SER A 304 20.06 34.84 4.32
CA SER A 304 18.62 34.86 4.49
C SER A 304 18.00 33.73 3.75
N ALA A 305 18.55 33.37 2.61
CA ALA A 305 17.99 32.26 1.85
C ALA A 305 18.52 30.86 2.22
N GLY A 306 19.71 30.77 2.81
CA GLY A 306 20.33 29.47 3.04
C GLY A 306 20.78 28.76 1.75
N LEU A 307 21.92 28.06 1.82
CA LEU A 307 22.59 27.63 0.59
C LEU A 307 21.65 27.01 -0.46
N GLU A 308 20.87 26.03 -0.04
CA GLU A 308 20.00 25.31 -0.94
C GLU A 308 19.25 26.25 -1.88
N ARG A 309 18.51 27.18 -1.30
CA ARG A 309 17.61 27.96 -2.11
C ARG A 309 18.38 28.89 -3.07
N ALA A 310 19.49 29.44 -2.57
CA ALA A 310 20.33 30.31 -3.38
C ALA A 310 20.72 29.58 -4.65
N LEU A 311 21.14 28.32 -4.46
CA LEU A 311 21.54 27.45 -5.54
C LEU A 311 20.42 27.26 -6.50
N SER A 312 19.22 27.05 -5.94
CA SER A 312 18.08 26.77 -6.78
C SER A 312 17.76 27.98 -7.64
N VAL A 313 17.89 29.15 -7.04
CA VAL A 313 17.74 30.41 -7.72
C VAL A 313 18.69 30.47 -8.91
N GLU A 314 19.95 30.17 -8.65
CA GLU A 314 20.91 30.30 -9.71
C GLU A 314 20.64 29.33 -10.84
N THR A 315 20.09 28.15 -10.50
CA THR A 315 19.74 27.14 -11.48
C THR A 315 18.54 27.59 -12.28
N VAL A 316 17.54 28.16 -11.59
CA VAL A 316 16.35 28.62 -12.30
C VAL A 316 16.70 29.76 -13.21
N ARG A 317 17.58 30.65 -12.76
CA ARG A 317 18.12 31.66 -13.65
C ARG A 317 18.78 31.02 -14.87
N ALA A 318 19.61 30.01 -14.63
CA ALA A 318 20.38 29.39 -15.69
C ALA A 318 19.44 28.86 -16.76
N ALA A 319 18.33 28.28 -16.33
CA ALA A 319 17.39 27.67 -17.27
C ALA A 319 16.69 28.66 -18.14
N PHE A 320 16.73 29.93 -17.73
CA PHE A 320 16.10 31.01 -18.46
C PHE A 320 17.14 31.69 -19.36
N THR A 321 18.38 31.82 -18.89
CA THR A 321 19.45 32.57 -19.61
C THR A 321 20.23 31.74 -20.64
N GLY A 322 20.58 30.50 -20.27
CA GLY A 322 21.44 29.66 -21.08
C GLY A 322 22.82 29.60 -20.46
N ALA A 323 23.12 30.46 -19.48
CA ALA A 323 24.42 30.45 -18.85
C ALA A 323 24.42 29.41 -17.78
N PRO A 324 25.32 28.43 -17.90
CA PRO A 324 25.39 27.30 -16.98
C PRO A 324 25.70 27.75 -15.55
N PRO A 325 25.04 27.14 -14.56
CA PRO A 325 25.10 27.63 -13.16
C PRO A 325 26.35 27.18 -12.44
N GLY A 326 27.04 26.22 -13.04
CA GLY A 326 28.32 25.73 -12.56
C GLY A 326 29.14 26.70 -11.75
N PRO A 327 29.73 27.71 -12.40
CA PRO A 327 30.63 28.65 -11.71
C PRO A 327 29.96 29.34 -10.50
N TRP A 328 28.68 29.75 -10.64
CA TRP A 328 27.95 30.47 -9.58
C TRP A 328 27.69 29.56 -8.43
N HIS A 329 27.15 28.38 -8.70
CA HIS A 329 26.92 27.37 -7.66
C HIS A 329 28.16 27.25 -6.78
N GLU A 330 29.31 27.23 -7.44
CA GLU A 330 30.58 27.05 -6.75
C GLU A 330 30.98 28.25 -5.88
N LYS A 331 30.72 29.46 -6.35
CA LYS A 331 31.07 30.64 -5.56
C LYS A 331 30.10 30.73 -4.39
N LEU A 332 28.83 30.43 -4.64
CA LEU A 332 27.85 30.48 -3.58
C LEU A 332 28.24 29.50 -2.49
N ARG A 333 28.59 28.27 -2.86
CA ARG A 333 29.02 27.25 -1.89
C ARG A 333 30.13 27.80 -0.99
N ARG A 334 31.09 28.49 -1.63
CA ARG A 334 32.26 29.07 -0.99
C ARG A 334 31.89 30.21 -0.06
N ARG A 335 31.15 31.17 -0.61
CA ARG A 335 30.65 32.28 0.18
C ARG A 335 29.87 31.79 1.40
N PHE A 336 28.89 30.94 1.19
CA PHE A 336 28.09 30.49 2.30
C PHE A 336 28.91 29.86 3.43
N ALA A 337 29.98 29.14 3.08
CA ALA A 337 30.82 28.48 4.08
C ALA A 337 31.76 29.44 4.79
N SER A 338 31.74 30.73 4.40
CA SER A 338 32.55 31.79 5.06
C SER A 338 31.68 32.84 5.73
N LEU A 339 30.36 32.65 5.66
CA LEU A 339 29.42 33.50 6.38
C LEU A 339 29.70 33.35 7.84
N PRO A 340 30.05 34.45 8.48
CA PRO A 340 30.38 34.49 9.90
C PRO A 340 29.38 33.79 10.80
N ILE A 341 28.11 33.73 10.41
CA ILE A 341 27.14 32.80 11.02
C ILE A 341 26.23 32.28 9.94
N LYS A 342 25.61 31.10 10.13
CA LYS A 342 24.80 30.54 9.06
C LYS A 342 23.34 30.39 9.37
N THR A 343 22.99 30.39 10.64
CA THR A 343 21.61 30.43 11.06
C THR A 343 21.52 31.51 12.12
N LYS A 344 20.30 31.98 12.40
CA LYS A 344 20.05 33.02 13.40
C LYS A 344 20.33 32.48 14.79
N GLY A 345 20.34 31.15 14.93
CA GLY A 345 20.52 30.50 16.20
C GLY A 345 21.95 30.56 16.68
N GLU A 346 22.86 30.61 15.73
CA GLU A 346 24.27 30.74 16.02
C GLU A 346 24.66 32.07 16.66
N LEU A 347 23.87 33.11 16.46
CA LEU A 347 24.14 34.43 17.05
C LEU A 347 24.60 34.39 18.50
N ALA A 348 25.69 35.08 18.83
CA ALA A 348 26.33 34.91 20.14
C ALA A 348 25.58 35.63 21.22
N VAL A 349 24.50 36.27 20.83
CA VAL A 349 23.81 37.14 21.73
C VAL A 349 22.31 36.93 21.66
N ASN A 350 21.68 37.14 22.78
CA ASN A 350 20.39 36.56 22.98
C ASN A 350 19.42 37.73 23.14
N GLY A 351 18.15 37.57 22.79
CA GLY A 351 17.16 38.62 23.03
C GLY A 351 17.11 39.20 24.45
N LYS A 352 17.37 38.40 25.46
CA LYS A 352 17.28 38.82 26.85
C LYS A 352 18.49 39.62 27.27
N ASP A 353 19.61 39.38 26.61
CA ASP A 353 20.84 40.14 26.79
C ASP A 353 20.59 41.59 26.41
N VAL A 354 19.95 41.76 25.28
CA VAL A 354 19.69 43.06 24.70
C VAL A 354 18.79 43.87 25.65
N ILE A 355 17.86 43.18 26.30
CA ILE A 355 17.02 43.82 27.28
C ILE A 355 17.84 44.32 28.45
N GLU A 356 18.68 43.47 29.03
CA GLU A 356 19.46 43.86 30.21
C GLU A 356 20.37 45.05 29.87
N TRP A 357 20.74 45.15 28.59
CA TRP A 357 21.82 46.04 28.20
C TRP A 357 21.32 47.39 27.94
N VAL A 358 20.12 47.46 27.40
CA VAL A 358 19.54 48.71 26.97
C VAL A 358 18.53 49.30 27.95
N GLY A 359 18.40 48.74 29.16
CA GLY A 359 17.32 49.11 30.08
C GLY A 359 15.92 49.48 29.54
N LYS A 360 15.42 48.68 28.63
CA LYS A 360 14.06 48.90 28.15
C LYS A 360 13.25 47.59 28.30
N PRO A 361 11.96 47.64 28.70
CA PRO A 361 11.16 46.44 28.95
C PRO A 361 11.04 45.59 27.70
N ALA A 362 10.71 44.31 27.82
CA ALA A 362 10.57 43.45 26.64
C ALA A 362 9.52 44.02 25.66
N GLY A 363 9.65 43.73 24.36
CA GLY A 363 8.71 44.28 23.37
C GLY A 363 9.14 44.15 21.90
N PRO A 364 8.38 44.76 20.98
CA PRO A 364 8.71 44.75 19.54
C PRO A 364 10.07 45.38 19.10
N TRP A 365 10.68 46.26 19.89
CA TRP A 365 11.98 46.84 19.54
C TRP A 365 13.09 45.82 19.59
N VAL A 366 12.87 44.73 20.34
CA VAL A 366 13.89 43.70 20.57
C VAL A 366 14.22 42.93 19.28
N LYS A 367 13.17 42.48 18.58
CA LYS A 367 13.34 41.93 17.24
C LYS A 367 14.25 42.86 16.41
N GLU A 368 13.78 44.09 16.17
CA GLU A 368 14.54 45.08 15.43
C GLU A 368 16.02 45.17 15.83
N ALA A 369 16.31 45.03 17.12
CA ALA A 369 17.68 45.06 17.59
C ALA A 369 18.42 43.86 17.09
N LEU A 370 17.87 42.69 17.39
CA LEU A 370 18.51 41.43 17.08
C LEU A 370 18.78 41.34 15.58
N ASP A 371 17.78 41.77 14.82
CA ASP A 371 17.85 41.93 13.37
C ASP A 371 19.08 42.75 12.97
N ALA A 372 19.22 43.94 13.55
CA ALA A 372 20.34 44.78 13.19
C ALA A 372 21.67 44.14 13.56
N ILE A 373 21.65 43.35 14.63
CA ILE A 373 22.84 42.64 15.12
C ILE A 373 23.29 41.49 14.18
N TRP A 374 22.43 40.50 13.93
CA TRP A 374 22.76 39.43 12.95
C TRP A 374 23.30 39.99 11.63
N ARG A 375 22.65 41.04 11.11
CA ARG A 375 23.11 41.68 9.90
C ARG A 375 24.49 42.21 10.07
N ALA A 376 24.79 42.73 11.24
CA ALA A 376 26.09 43.32 11.43
C ALA A 376 27.13 42.21 11.53
N VAL A 377 26.77 41.12 12.21
CA VAL A 377 27.66 39.97 12.30
C VAL A 377 27.97 39.39 10.91
N VAL A 378 26.91 39.27 10.11
CA VAL A 378 26.97 38.64 8.80
C VAL A 378 27.79 39.46 7.87
N ASN A 379 27.56 40.76 7.92
CA ASN A 379 28.36 41.69 7.13
C ASN A 379 29.79 41.83 7.69
N GLY A 380 30.04 41.19 8.84
CA GLY A 380 31.35 41.18 9.47
C GLY A 380 31.76 42.57 9.97
N GLU A 381 30.77 43.38 10.34
CA GLU A 381 31.01 44.67 10.95
C GLU A 381 31.44 44.50 12.39
N VAL A 382 31.10 43.37 12.99
CA VAL A 382 31.41 43.10 14.38
C VAL A 382 31.47 41.60 14.54
N GLU A 383 32.42 41.10 15.33
CA GLU A 383 32.53 39.67 15.59
C GLU A 383 31.30 39.08 16.27
N ASN A 384 30.99 37.81 16.03
CA ASN A 384 29.94 37.17 16.79
C ASN A 384 30.46 36.77 18.18
N GLU A 385 30.70 37.75 19.03
CA GLU A 385 31.05 37.51 20.43
C GLU A 385 30.29 38.50 21.34
N LYS A 386 29.94 38.09 22.56
CA LYS A 386 29.06 38.86 23.46
C LYS A 386 29.63 40.24 23.71
N GLU A 387 30.80 40.28 24.32
CA GLU A 387 31.45 41.51 24.72
C GLU A 387 31.53 42.52 23.58
N ARG A 388 31.76 42.02 22.38
CA ARG A 388 31.94 42.93 21.27
C ARG A 388 30.60 43.39 20.70
N ILE A 389 29.57 42.54 20.73
CA ILE A 389 28.25 42.98 20.25
C ILE A 389 27.77 44.06 21.20
N TYR A 390 27.93 43.80 22.49
CA TYR A 390 27.55 44.78 23.51
C TYR A 390 28.06 46.19 23.17
N ALA A 391 29.37 46.32 23.00
CA ALA A 391 29.96 47.61 22.72
C ALA A 391 29.31 48.15 21.47
N TRP A 392 29.23 47.29 20.46
CA TRP A 392 28.70 47.66 19.15
C TRP A 392 27.32 48.25 19.32
N LEU A 393 26.47 47.55 20.08
CA LEU A 393 25.11 48.01 20.32
C LEU A 393 25.04 49.31 21.18
N MSE A 394 25.82 49.38 22.25
CA MSE A 394 25.87 50.53 23.11
C MSE A 394 26.29 51.73 22.35
O MSE A 394 25.78 52.81 22.56
CB MSE A 394 26.89 50.32 24.19
CG MSE A 394 26.38 49.66 25.45
SE MSE A 394 24.44 49.57 25.69
CE MSE A 394 24.25 50.70 27.16
N GLU A 395 27.27 51.55 21.48
CA GLU A 395 27.83 52.69 20.76
C GLU A 395 26.94 53.07 19.62
N ARG A 396 26.02 52.21 19.25
CA ARG A 396 25.20 52.54 18.13
C ARG A 396 23.92 53.12 18.62
N ASN A 397 23.68 53.07 19.93
CA ASN A 397 22.48 53.66 20.55
C ASN A 397 22.70 55.11 20.92
N ARG A 398 23.94 55.50 21.18
CA ARG A 398 24.28 56.94 21.33
C ARG A 398 24.53 57.66 19.95
N THR A 399 24.63 56.89 18.86
CA THR A 399 24.70 57.41 17.47
C THR A 399 23.30 57.79 16.98
N ARG A 400 22.27 56.98 17.31
CA ARG A 400 20.88 57.33 17.00
C ARG A 400 20.47 58.59 17.75
N GLU A 401 21.15 58.92 18.86
CA GLU A 401 20.98 60.20 19.59
C GLU A 401 21.63 61.41 18.90
N LYS A 402 22.85 61.21 18.39
CA LYS A 402 23.58 62.25 17.66
C LYS A 402 22.98 62.57 16.26
N ASN A 403 22.12 61.66 15.76
CA ASN A 403 21.47 61.78 14.43
C ASN A 403 20.13 62.56 14.37
N CYS A 404 19.25 62.40 15.36
CA CYS A 404 17.98 63.15 15.40
C CYS A 404 17.85 64.08 16.62
N MSE B 1 18.41 -2.56 21.50
CA MSE B 1 17.72 -2.50 20.17
C MSE B 1 17.59 -3.87 19.55
O MSE B 1 18.46 -4.32 18.80
CB MSE B 1 18.48 -1.59 19.21
CG MSE B 1 17.60 -0.85 18.20
SE MSE B 1 15.92 -0.18 18.95
CE MSE B 1 16.18 1.77 18.94
N LYS B 2 16.47 -4.52 19.85
CA LYS B 2 16.13 -5.84 19.27
C LYS B 2 15.95 -5.82 17.72
N PRO B 3 16.37 -6.89 17.02
CA PRO B 3 16.38 -6.90 15.55
C PRO B 3 15.17 -6.33 14.80
N PRO B 4 13.90 -6.59 15.14
CA PRO B 4 12.78 -5.92 14.45
C PRO B 4 12.85 -4.40 14.52
N PHE B 5 13.20 -3.82 15.66
CA PHE B 5 13.34 -2.36 15.72
C PHE B 5 14.65 -1.85 15.14
N GLN B 6 15.71 -2.62 15.26
CA GLN B 6 17.02 -2.24 14.77
C GLN B 6 16.88 -1.77 13.35
N GLU B 7 16.21 -2.55 12.53
CA GLU B 7 16.17 -2.21 11.12
C GLU B 7 15.25 -1.08 10.79
N ALA B 8 14.14 -0.94 11.53
CA ALA B 8 13.25 0.21 11.38
C ALA B 8 13.86 1.53 11.86
N LEU B 9 14.96 1.48 12.63
CA LEU B 9 15.62 2.67 13.14
C LEU B 9 15.91 3.72 12.07
N GLY B 10 16.34 3.26 10.89
CA GLY B 10 16.56 4.13 9.76
C GLY B 10 15.45 5.15 9.62
N ILE B 11 14.20 4.68 9.65
CA ILE B 11 13.02 5.53 9.49
C ILE B 11 12.95 6.65 10.50
N ILE B 12 13.02 6.29 11.78
CA ILE B 12 12.99 7.29 12.86
C ILE B 12 14.11 8.30 12.64
N GLN B 13 15.32 7.76 12.50
CA GLN B 13 16.53 8.56 12.42
C GLN B 13 16.43 9.59 11.34
N GLN B 14 15.89 9.20 10.19
CA GLN B 14 15.69 10.17 9.11
C GLN B 14 14.59 11.22 9.34
N LEU B 15 13.44 10.81 9.86
CA LEU B 15 12.43 11.77 10.29
C LEU B 15 12.96 12.77 11.36
N LYS B 16 13.83 12.30 12.24
CA LYS B 16 14.43 13.15 13.25
C LYS B 16 15.37 14.14 12.59
N GLN B 17 16.19 13.68 11.64
CA GLN B 17 17.19 14.53 10.99
C GLN B 17 16.57 15.64 10.18
N HIS B 18 15.34 15.45 9.70
CA HIS B 18 14.61 16.53 9.06
C HIS B 18 13.79 17.29 10.09
N GLY B 19 14.14 17.11 11.35
CA GLY B 19 13.51 17.83 12.45
C GLY B 19 12.08 17.43 12.67
N TYR B 20 11.81 16.13 12.74
CA TYR B 20 10.43 15.73 12.92
C TYR B 20 10.10 15.08 14.21
N ASP B 21 10.83 14.06 14.61
CA ASP B 21 10.43 13.37 15.83
C ASP B 21 9.37 12.26 15.58
N ALA B 22 9.83 11.03 15.81
CA ALA B 22 9.07 9.85 15.56
C ALA B 22 9.37 8.79 16.65
N TYR B 23 8.42 7.88 16.77
CA TYR B 23 8.44 6.84 17.79
C TYR B 23 7.87 5.53 17.25
N PHE B 24 8.35 4.45 17.83
CA PHE B 24 7.77 3.15 17.70
C PHE B 24 6.50 3.10 18.55
N VAL B 25 5.42 2.67 17.90
CA VAL B 25 4.13 2.53 18.57
C VAL B 25 3.51 1.19 18.26
N GLY B 26 2.42 0.87 18.95
CA GLY B 26 1.66 -0.33 18.60
C GLY B 26 2.10 -1.65 19.23
N GLY B 27 1.50 -2.74 18.73
CA GLY B 27 1.62 -4.06 19.32
C GLY B 27 3.07 -4.46 19.50
N ALA B 28 3.91 -3.99 18.58
CA ALA B 28 5.29 -4.37 18.59
C ALA B 28 5.90 -3.97 19.94
N VAL B 29 5.56 -2.78 20.42
CA VAL B 29 6.07 -2.31 21.69
C VAL B 29 5.55 -3.22 22.76
N ARG B 30 4.22 -3.43 22.78
CA ARG B 30 3.55 -4.38 23.68
C ARG B 30 4.27 -5.73 23.70
N ASP B 31 4.28 -6.37 22.54
CA ASP B 31 5.00 -7.62 22.36
C ASP B 31 6.41 -7.59 23.01
N LEU B 32 7.17 -6.56 22.67
CA LEU B 32 8.54 -6.46 23.13
C LEU B 32 8.54 -6.63 24.64
N LEU B 33 7.70 -5.85 25.32
CA LEU B 33 7.70 -5.82 26.77
C LEU B 33 7.09 -7.09 27.29
N LEU B 34 6.01 -7.54 26.68
CA LEU B 34 5.37 -8.78 27.11
C LEU B 34 6.29 -9.96 26.96
N GLY B 35 7.33 -9.82 26.13
CA GLY B 35 8.23 -10.94 25.89
C GLY B 35 7.77 -11.82 24.76
N ARG B 36 6.69 -11.44 24.08
CA ARG B 36 6.23 -12.12 22.85
C ARG B 36 7.21 -12.02 21.70
N PRO B 37 7.03 -12.88 20.68
CA PRO B 37 7.61 -12.62 19.36
C PRO B 37 7.05 -11.31 18.81
N ILE B 38 7.89 -10.47 18.23
CA ILE B 38 7.42 -9.11 17.96
C ILE B 38 6.56 -9.11 16.73
N GLY B 39 5.35 -8.60 16.87
CA GLY B 39 4.47 -8.39 15.71
C GLY B 39 5.03 -7.38 14.72
N ASP B 40 4.21 -6.64 14.03
CA ASP B 40 4.97 -5.81 13.11
C ASP B 40 5.12 -4.32 13.47
N VAL B 41 6.28 -3.75 13.14
CA VAL B 41 6.75 -2.47 13.66
C VAL B 41 6.04 -1.28 13.01
N ASP B 42 5.40 -0.44 13.84
CA ASP B 42 4.82 0.81 13.30
C ASP B 42 5.46 2.07 13.83
N ILE B 43 5.52 3.09 12.98
CA ILE B 43 6.13 4.33 13.39
C ILE B 43 5.11 5.46 13.38
N ALA B 44 4.97 6.15 14.53
CA ALA B 44 4.22 7.40 14.54
C ALA B 44 5.21 8.58 14.58
N THR B 45 4.85 9.67 13.92
CA THR B 45 5.73 10.83 13.78
C THR B 45 4.88 12.10 13.78
N SER B 46 5.56 13.23 13.93
CA SER B 46 4.93 14.53 13.81
C SER B 46 4.90 14.99 12.34
N ALA B 47 5.73 14.37 11.50
CA ALA B 47 5.73 14.64 10.06
C ALA B 47 4.42 14.26 9.39
N LEU B 48 3.94 15.13 8.49
CA LEU B 48 2.69 14.94 7.74
C LEU B 48 2.92 14.05 6.54
N PRO B 49 1.89 13.35 6.08
CA PRO B 49 2.10 12.34 5.04
C PRO B 49 3.02 12.82 3.88
N GLU B 50 2.81 14.03 3.35
CA GLU B 50 3.58 14.55 2.20
C GLU B 50 5.03 14.80 2.55
N ASP B 51 5.33 14.92 3.84
CA ASP B 51 6.71 15.02 4.31
C ASP B 51 7.34 13.64 4.30
N VAL B 52 6.61 12.65 4.76
CA VAL B 52 7.14 11.31 4.79
C VAL B 52 7.46 10.91 3.35
N MSE B 53 6.50 11.12 2.46
CA MSE B 53 6.64 10.79 1.04
C MSE B 53 7.73 11.55 0.31
O MSE B 53 8.22 11.12 -0.72
CB MSE B 53 5.33 11.04 0.31
CG MSE B 53 4.11 10.50 1.04
SE MSE B 53 2.56 10.26 -0.12
CE MSE B 53 1.59 11.95 0.28
N ALA B 54 8.09 12.71 0.85
CA ALA B 54 9.19 13.48 0.32
C ALA B 54 10.54 12.96 0.82
N ILE B 55 10.61 12.50 2.07
CA ILE B 55 11.88 12.01 2.62
C ILE B 55 12.28 10.64 2.08
N PHE B 56 11.36 9.70 1.96
CA PHE B 56 11.78 8.34 1.64
C PHE B 56 11.57 7.99 0.17
N PRO B 57 12.55 7.28 -0.42
CA PRO B 57 12.53 7.00 -1.86
C PRO B 57 11.27 6.20 -2.23
N LYS B 58 11.06 5.01 -1.68
CA LYS B 58 9.83 4.24 -1.93
C LYS B 58 8.80 4.40 -0.78
N THR B 59 7.57 4.75 -1.17
CA THR B 59 6.44 5.04 -0.30
C THR B 59 5.24 4.49 -1.00
N ILE B 60 4.31 3.90 -0.28
CA ILE B 60 3.05 3.54 -0.89
C ILE B 60 1.98 4.33 -0.19
N ASP B 61 1.19 5.09 -0.94
CA ASP B 61 0.06 5.78 -0.31
C ASP B 61 -1.15 4.88 -0.02
N VAL B 62 -1.20 4.32 1.17
CA VAL B 62 -2.28 3.41 1.56
C VAL B 62 -3.52 4.23 1.94
N GLY B 63 -3.32 5.17 2.87
CA GLY B 63 -4.37 6.08 3.28
C GLY B 63 -3.82 7.32 3.97
N SER B 64 -3.24 8.24 3.17
CA SER B 64 -2.68 9.52 3.65
C SER B 64 -3.79 10.47 4.15
N LYS B 65 -5.01 10.18 3.69
CA LYS B 65 -6.24 10.85 4.11
C LYS B 65 -6.50 10.78 5.64
N HIS B 66 -6.00 9.75 6.33
CA HIS B 66 -6.12 9.61 7.78
C HIS B 66 -4.76 9.45 8.46
N GLY B 67 -3.72 9.85 7.74
CA GLY B 67 -2.38 9.95 8.30
C GLY B 67 -1.34 8.89 7.98
N THR B 68 -1.77 7.79 7.38
CA THR B 68 -0.92 6.63 7.26
C THR B 68 -0.25 6.56 5.92
N VAL B 69 1.04 6.28 5.93
CA VAL B 69 1.80 6.12 4.70
C VAL B 69 2.70 4.89 4.89
N VAL B 70 2.82 4.08 3.87
CA VAL B 70 3.69 2.93 3.98
C VAL B 70 5.04 3.29 3.45
N VAL B 71 6.08 3.05 4.23
CA VAL B 71 7.44 3.30 3.77
C VAL B 71 8.13 1.99 3.55
N VAL B 72 8.67 1.80 2.36
CA VAL B 72 9.49 0.60 2.15
C VAL B 72 10.92 0.95 2.47
N HIS B 73 11.45 0.32 3.51
CA HIS B 73 12.76 0.65 4.05
C HIS B 73 13.59 -0.61 4.18
N LYS B 74 14.80 -0.55 3.63
CA LYS B 74 15.74 -1.68 3.57
C LYS B 74 15.00 -3.00 3.39
N GLY B 75 14.00 -2.97 2.52
CA GLY B 75 13.35 -4.17 2.09
C GLY B 75 12.09 -4.57 2.82
N LYS B 76 11.56 -3.80 3.77
CA LYS B 76 10.26 -4.20 4.33
C LYS B 76 9.26 -3.09 4.30
N ALA B 77 7.99 -3.39 4.49
CA ALA B 77 7.00 -2.30 4.55
C ALA B 77 6.70 -1.89 5.99
N TYR B 78 6.79 -0.59 6.30
CA TYR B 78 6.37 -0.13 7.61
C TYR B 78 5.26 0.90 7.45
N GLU B 79 4.35 0.94 8.42
CA GLU B 79 3.27 1.91 8.39
C GLU B 79 3.65 3.16 9.19
N VAL B 80 3.97 4.26 8.53
CA VAL B 80 4.25 5.46 9.28
C VAL B 80 3.02 6.34 9.34
N THR B 81 2.63 6.83 10.52
CA THR B 81 1.43 7.67 10.68
C THR B 81 1.61 8.90 11.56
N THR B 82 1.24 10.07 11.02
CA THR B 82 1.23 11.34 11.74
C THR B 82 0.33 11.24 12.95
N PHE B 83 0.73 11.89 14.04
CA PHE B 83 -0.04 11.89 15.28
C PHE B 83 -1.41 12.50 15.06
N LYS B 84 -2.47 11.91 15.60
CA LYS B 84 -3.83 12.38 15.25
C LYS B 84 -4.82 12.38 16.41
N THR B 85 -5.89 13.18 16.34
CA THR B 85 -7.00 13.16 17.35
C THR B 85 -8.38 12.80 16.77
N ASP B 86 -8.84 11.59 17.10
CA ASP B 86 -9.92 10.84 16.42
C ASP B 86 -11.36 11.43 16.24
N GLY B 87 -11.51 12.69 15.82
CA GLY B 87 -12.82 13.30 15.50
C GLY B 87 -14.03 12.85 16.29
N SER B 97 -13.58 13.09 9.61
CA SER B 97 -12.36 13.84 9.38
C SER B 97 -11.43 13.77 10.58
N VAL B 98 -10.15 13.92 10.27
CA VAL B 98 -9.08 13.71 11.23
C VAL B 98 -8.28 15.01 11.43
N THR B 99 -7.79 15.23 12.66
CA THR B 99 -6.91 16.36 12.97
C THR B 99 -5.52 15.85 13.34
N PHE B 100 -4.51 16.37 12.65
CA PHE B 100 -3.10 16.07 12.92
C PHE B 100 -2.58 16.97 14.02
N VAL B 101 -1.70 16.49 14.89
CA VAL B 101 -1.08 17.37 15.91
C VAL B 101 0.45 17.25 15.93
N ARG B 102 1.06 17.77 16.99
CA ARG B 102 2.49 17.57 17.21
C ARG B 102 2.75 16.84 18.54
N SER B 103 1.68 16.50 19.26
CA SER B 103 1.82 15.84 20.56
C SER B 103 1.77 14.30 20.48
N LEU B 104 2.87 13.63 20.83
CA LEU B 104 2.82 12.16 20.84
C LEU B 104 1.76 11.70 21.81
N GLU B 105 1.64 12.43 22.92
CA GLU B 105 0.72 12.07 23.97
C GLU B 105 -0.72 12.05 23.45
N GLU B 106 -1.09 13.02 22.63
CA GLU B 106 -2.44 13.05 22.09
C GLU B 106 -2.69 11.83 21.21
N ASP B 107 -1.65 11.41 20.47
CA ASP B 107 -1.74 10.25 19.58
C ASP B 107 -1.93 8.92 20.32
N LEU B 108 -1.30 8.79 21.47
CA LEU B 108 -1.48 7.61 22.29
C LEU B 108 -2.87 7.61 22.93
N LYS B 109 -3.29 8.76 23.46
CA LYS B 109 -4.59 8.88 24.13
C LYS B 109 -5.75 8.25 23.35
N ARG B 110 -5.63 8.19 22.02
CA ARG B 110 -6.73 7.79 21.14
C ARG B 110 -6.70 6.30 20.79
N ARG B 111 -5.81 5.57 21.45
CA ARG B 111 -5.59 4.19 21.13
C ARG B 111 -6.45 3.33 22.03
N ASP B 112 -6.77 2.10 21.61
CA ASP B 112 -7.79 1.26 22.27
C ASP B 112 -7.46 0.83 23.71
N PHE B 113 -6.34 0.15 23.92
CA PHE B 113 -6.08 -0.35 25.25
C PHE B 113 -4.72 0.08 25.72
N THR B 114 -4.53 0.16 27.03
CA THR B 114 -3.29 0.71 27.58
C THR B 114 -2.04 -0.04 27.09
N MSE B 115 -2.10 -1.36 27.07
CA MSE B 115 -1.03 -2.14 26.49
C MSE B 115 -0.64 -1.61 25.10
O MSE B 115 0.54 -1.39 24.80
CB MSE B 115 -1.45 -3.58 26.40
CG MSE B 115 -2.73 -3.77 25.65
SE MSE B 115 -3.17 -5.62 25.89
CE MSE B 115 -4.09 -6.01 24.16
N ASN B 116 -1.65 -1.42 24.25
CA ASN B 116 -1.42 -0.89 22.90
C ASN B 116 -0.98 0.59 22.81
N ALA B 117 -0.95 1.25 23.96
CA ALA B 117 -0.76 2.69 23.95
C ALA B 117 0.61 3.10 24.40
N ILE B 118 1.55 2.18 24.30
CA ILE B 118 2.92 2.51 24.66
C ILE B 118 3.67 2.95 23.43
N ALA B 119 4.83 3.55 23.68
CA ALA B 119 5.69 4.12 22.65
C ALA B 119 7.18 3.96 23.01
N MSE B 120 8.02 3.75 22.02
CA MSE B 120 9.45 3.72 22.29
C MSE B 120 10.25 4.66 21.41
O MSE B 120 10.01 4.76 20.21
CB MSE B 120 9.94 2.30 22.16
CG MSE B 120 11.35 2.06 22.65
SE MSE B 120 11.88 0.17 22.34
CE MSE B 120 12.61 -0.28 24.21
N ASP B 121 11.21 5.37 21.98
CA ASP B 121 11.98 6.36 21.21
C ASP B 121 13.18 5.73 20.53
N GLU B 122 13.84 6.52 19.69
CA GLU B 122 15.01 6.03 19.01
C GLU B 122 16.09 5.40 19.94
N TYR B 123 16.10 5.79 21.21
CA TYR B 123 17.16 5.34 22.10
C TYR B 123 16.73 4.16 22.89
N GLY B 124 15.53 3.67 22.64
CA GLY B 124 15.04 2.55 23.39
C GLY B 124 14.26 2.88 24.66
N THR B 125 13.94 4.16 24.91
CA THR B 125 13.19 4.57 26.11
C THR B 125 11.67 4.33 26.00
N ILE B 126 11.09 3.61 26.93
CA ILE B 126 9.64 3.44 26.91
C ILE B 126 8.98 4.73 27.39
N ILE B 127 8.08 5.26 26.56
CA ILE B 127 7.24 6.37 26.94
C ILE B 127 5.86 5.79 27.23
N ASP B 128 5.40 5.87 28.48
CA ASP B 128 4.16 5.20 28.82
C ASP B 128 3.32 6.07 29.71
N PRO B 129 2.58 6.98 29.11
CA PRO B 129 1.74 7.86 29.89
C PRO B 129 0.42 7.21 30.29
N PHE B 130 0.12 5.98 29.93
CA PHE B 130 -1.16 5.52 30.41
C PHE B 130 -1.18 4.32 31.31
N GLY B 131 0.01 3.90 31.76
CA GLY B 131 0.16 2.69 32.57
C GLY B 131 -0.05 1.40 31.77
N GLY B 132 0.36 1.41 30.52
CA GLY B 132 0.31 0.22 29.71
C GLY B 132 1.28 -0.77 30.29
N ARG B 133 2.49 -0.32 30.58
CA ARG B 133 3.49 -1.21 31.15
C ARG B 133 2.94 -1.96 32.35
N GLU B 134 2.24 -1.22 33.23
CA GLU B 134 1.55 -1.73 34.44
C GLU B 134 0.49 -2.77 34.09
N ALA B 135 -0.36 -2.43 33.13
CA ALA B 135 -1.35 -3.36 32.59
C ALA B 135 -0.73 -4.66 31.98
N ILE B 136 0.49 -4.57 31.47
CA ILE B 136 1.19 -5.73 30.91
C ILE B 136 1.70 -6.63 32.04
N ARG B 137 2.33 -6.03 33.04
CA ARG B 137 2.75 -6.76 34.24
C ARG B 137 1.56 -7.52 34.85
N ARG B 138 0.39 -6.90 34.86
CA ARG B 138 -0.81 -7.51 35.45
C ARG B 138 -1.53 -8.42 34.48
N ARG B 139 -1.26 -8.27 33.18
CA ARG B 139 -1.94 -9.04 32.14
C ARG B 139 -3.42 -8.65 32.09
N ILE B 140 -3.68 -7.36 31.87
CA ILE B 140 -5.04 -6.85 31.79
C ILE B 140 -5.34 -6.01 30.55
N ILE B 141 -6.47 -6.30 29.92
CA ILE B 141 -6.91 -5.44 28.86
C ILE B 141 -7.81 -4.42 29.48
N ARG B 142 -7.36 -3.16 29.46
CA ARG B 142 -8.13 -2.03 29.97
C ARG B 142 -8.12 -0.97 28.89
N THR B 143 -9.30 -0.42 28.65
CA THR B 143 -9.51 0.70 27.76
C THR B 143 -8.67 1.94 28.12
N VAL B 144 -8.19 2.70 27.14
CA VAL B 144 -7.59 3.98 27.46
C VAL B 144 -8.66 5.01 27.65
N GLY B 145 -8.85 5.44 28.90
CA GLY B 145 -9.93 6.34 29.28
C GLY B 145 -11.18 5.58 29.65
N GLU B 146 -12.33 6.25 29.50
CA GLU B 146 -13.63 5.68 29.86
C GLU B 146 -14.06 4.53 28.96
N ALA B 147 -14.10 3.32 29.53
CA ALA B 147 -14.55 2.14 28.83
C ALA B 147 -15.78 2.40 27.99
N GLU B 148 -16.80 3.03 28.57
CA GLU B 148 -18.05 3.28 27.84
C GLU B 148 -17.89 4.17 26.61
N LYS B 149 -17.26 5.34 26.79
CA LYS B 149 -17.10 6.34 25.71
C LYS B 149 -16.35 5.75 24.52
N ARG B 150 -15.27 5.01 24.81
CA ARG B 150 -14.41 4.46 23.78
C ARG B 150 -15.17 3.54 22.88
N PHE B 151 -15.95 2.66 23.49
CA PHE B 151 -16.76 1.73 22.73
C PHE B 151 -17.84 2.41 21.94
N ARG B 152 -18.26 3.60 22.34
CA ARG B 152 -19.26 4.34 21.59
C ARG B 152 -18.60 4.92 20.36
N GLU B 153 -17.36 5.35 20.52
CA GLU B 153 -16.60 5.95 19.44
C GLU B 153 -16.37 4.95 18.28
N ASP B 154 -16.17 3.68 18.61
CA ASP B 154 -15.87 2.67 17.62
C ASP B 154 -16.15 1.32 18.24
N ALA B 155 -17.35 0.84 17.99
CA ALA B 155 -17.81 -0.40 18.63
C ALA B 155 -16.87 -1.57 18.42
N LEU B 156 -16.12 -1.55 17.32
CA LEU B 156 -15.21 -2.66 17.01
C LEU B 156 -14.21 -2.93 18.12
N ARG B 157 -13.92 -1.90 18.91
CA ARG B 157 -12.94 -2.03 19.99
C ARG B 157 -13.28 -3.19 20.89
N MSE B 158 -14.57 -3.41 21.10
CA MSE B 158 -15.03 -4.49 21.94
C MSE B 158 -14.60 -5.87 21.41
O MSE B 158 -14.18 -6.76 22.17
CB MSE B 158 -16.54 -4.43 22.05
CG MSE B 158 -17.07 -3.04 22.37
SE MSE B 158 -18.92 -3.07 23.02
CE MSE B 158 -19.85 -3.61 21.32
N MSE B 159 -14.72 -6.03 20.09
CA MSE B 159 -14.33 -7.24 19.40
C MSE B 159 -12.83 -7.52 19.62
O MSE B 159 -12.44 -8.66 19.95
CB MSE B 159 -14.64 -7.10 17.90
CG MSE B 159 -15.86 -7.87 17.43
SE MSE B 159 -15.71 -9.79 17.80
CE MSE B 159 -15.58 -10.48 15.87
N ARG B 160 -12.02 -6.49 19.43
CA ARG B 160 -10.56 -6.58 19.61
C ARG B 160 -10.20 -7.00 21.03
N ALA B 161 -10.83 -6.34 22.00
CA ALA B 161 -10.65 -6.66 23.39
C ALA B 161 -10.81 -8.17 23.58
N VAL B 162 -11.85 -8.76 22.98
CA VAL B 162 -12.04 -10.19 23.16
C VAL B 162 -10.94 -10.98 22.44
N ARG B 163 -10.66 -10.61 21.20
CA ARG B 163 -9.65 -11.36 20.47
C ARG B 163 -8.32 -11.27 21.20
N PHE B 164 -8.06 -10.12 21.82
CA PHE B 164 -6.80 -9.95 22.54
C PHE B 164 -6.79 -10.92 23.70
N VAL B 165 -7.95 -11.15 24.28
CA VAL B 165 -8.05 -12.19 25.28
C VAL B 165 -7.57 -13.49 24.66
N SER B 166 -8.11 -13.83 23.49
CA SER B 166 -7.71 -15.06 22.83
C SER B 166 -6.21 -15.08 22.46
N GLU B 167 -5.64 -13.92 22.16
CA GLU B 167 -4.31 -13.92 21.64
C GLU B 167 -3.26 -13.86 22.73
N LEU B 168 -3.56 -13.19 23.84
CA LEU B 168 -2.58 -13.06 24.91
C LEU B 168 -2.92 -13.67 26.29
N GLY B 169 -4.11 -14.23 26.40
CA GLY B 169 -4.57 -14.76 27.68
C GLY B 169 -4.53 -13.75 28.81
N PHE B 170 -4.59 -12.45 28.49
CA PHE B 170 -4.92 -11.42 29.47
C PHE B 170 -6.36 -11.59 29.90
N ALA B 171 -6.72 -10.97 31.00
CA ALA B 171 -8.12 -10.94 31.39
C ALA B 171 -8.67 -9.52 31.18
N LEU B 172 -9.98 -9.44 30.93
CA LEU B 172 -10.63 -8.17 30.70
C LEU B 172 -10.72 -7.48 32.05
N ALA B 173 -10.43 -6.19 32.14
CA ALA B 173 -10.63 -5.46 33.42
C ALA B 173 -12.11 -5.47 33.75
N PRO B 174 -12.43 -5.53 35.05
CA PRO B 174 -13.83 -5.68 35.46
C PRO B 174 -14.74 -4.65 34.79
N ASP B 175 -14.38 -3.36 34.86
CA ASP B 175 -15.22 -2.28 34.31
C ASP B 175 -15.27 -2.22 32.80
N THR B 176 -14.17 -2.60 32.13
CA THR B 176 -14.12 -2.69 30.67
C THR B 176 -15.06 -3.77 30.17
N GLU B 177 -15.00 -4.93 30.83
CA GLU B 177 -15.91 -6.04 30.55
C GLU B 177 -17.35 -5.59 30.67
N GLN B 178 -17.67 -5.01 31.81
CA GLN B 178 -19.02 -4.53 32.07
C GLN B 178 -19.51 -3.65 30.92
N ALA B 179 -18.68 -2.67 30.55
CA ALA B 179 -18.98 -1.81 29.41
C ALA B 179 -19.37 -2.56 28.14
N ILE B 180 -18.67 -3.66 27.84
CA ILE B 180 -19.00 -4.45 26.65
C ILE B 180 -20.45 -4.95 26.71
N VAL B 181 -20.85 -5.56 27.82
CA VAL B 181 -22.20 -6.14 27.91
C VAL B 181 -23.20 -5.02 27.82
N GLN B 182 -22.85 -3.89 28.41
CA GLN B 182 -23.71 -2.72 28.42
C GLN B 182 -23.76 -2.05 27.06
N ASN B 183 -22.71 -2.24 26.26
CA ASN B 183 -22.65 -1.58 24.98
C ASN B 183 -22.61 -2.52 23.80
N ALA B 184 -22.94 -3.78 24.06
CA ALA B 184 -22.99 -4.79 23.01
C ALA B 184 -23.64 -4.34 21.70
N PRO B 185 -24.84 -3.75 21.73
CA PRO B 185 -25.63 -3.55 20.51
C PRO B 185 -24.85 -2.88 19.40
N LEU B 186 -24.09 -1.86 19.78
CA LEU B 186 -23.38 -0.97 18.85
C LEU B 186 -22.58 -1.66 17.72
N LEU B 187 -22.37 -2.97 17.85
CA LEU B 187 -21.71 -3.76 16.83
C LEU B 187 -22.38 -3.76 15.45
N ALA B 188 -23.69 -3.97 15.39
CA ALA B 188 -24.39 -4.09 14.10
C ALA B 188 -24.26 -2.86 13.18
N HIS B 189 -23.60 -1.82 13.69
CA HIS B 189 -23.25 -0.64 12.90
C HIS B 189 -21.91 -0.81 12.19
N ILE B 190 -21.10 -1.76 12.69
CA ILE B 190 -19.79 -2.12 12.12
C ILE B 190 -19.91 -3.10 10.96
N SER B 191 -19.26 -2.80 9.85
CA SER B 191 -19.40 -3.62 8.65
C SER B 191 -18.80 -5.02 8.83
N VAL B 192 -19.57 -6.04 8.44
CA VAL B 192 -19.17 -7.43 8.67
C VAL B 192 -17.69 -7.68 8.45
N GLU B 193 -17.20 -7.32 7.26
CA GLU B 193 -15.81 -7.55 6.82
C GLU B 193 -14.86 -7.38 7.96
N ARG B 194 -15.03 -6.26 8.65
CA ARG B 194 -14.19 -5.85 9.76
C ARG B 194 -14.28 -6.83 10.93
N MSE B 195 -15.49 -7.33 11.23
CA MSE B 195 -15.70 -8.32 12.29
C MSE B 195 -15.06 -9.65 11.94
O MSE B 195 -14.51 -10.33 12.79
CB MSE B 195 -17.17 -8.58 12.54
CG MSE B 195 -17.98 -7.33 12.75
SE MSE B 195 -19.86 -7.64 13.42
CE MSE B 195 -20.94 -7.72 11.67
N THR B 196 -15.11 -9.99 10.67
CA THR B 196 -14.57 -11.25 10.21
C THR B 196 -13.10 -11.39 10.52
N MSE B 197 -12.32 -10.34 10.28
CA MSE B 197 -10.88 -10.46 10.52
C MSE B 197 -10.56 -10.57 12.01
O MSE B 197 -9.56 -11.16 12.39
CB MSE B 197 -10.10 -9.33 9.87
CG MSE B 197 -10.82 -8.72 8.67
SE MSE B 197 -9.91 -7.05 8.01
CE MSE B 197 -10.93 -5.46 8.90
N GLU B 198 -11.42 -10.01 12.84
CA GLU B 198 -11.24 -10.16 14.28
C GLU B 198 -11.59 -11.56 14.69
N MSE B 199 -12.70 -12.09 14.16
CA MSE B 199 -13.09 -13.45 14.45
C MSE B 199 -12.02 -14.44 14.06
O MSE B 199 -11.72 -15.35 14.81
CB MSE B 199 -14.38 -13.84 13.77
CG MSE B 199 -14.82 -15.20 14.16
SE MSE B 199 -15.58 -15.25 16.05
CE MSE B 199 -14.05 -15.19 17.01
N GLU B 200 -11.42 -14.24 12.90
CA GLU B 200 -10.45 -15.17 12.41
C GLU B 200 -9.27 -15.18 13.34
N LYS B 201 -8.69 -14.04 13.63
CA LYS B 201 -7.66 -13.96 14.66
C LYS B 201 -8.14 -14.72 15.90
N LEU B 202 -9.26 -14.27 16.47
CA LEU B 202 -9.79 -14.88 17.68
C LEU B 202 -9.77 -16.42 17.67
N LEU B 203 -10.26 -17.05 16.60
CA LEU B 203 -10.21 -18.52 16.44
C LEU B 203 -8.78 -19.10 16.46
N GLY B 204 -7.78 -18.31 16.10
CA GLY B 204 -6.44 -18.85 16.00
C GLY B 204 -5.66 -18.45 17.22
N GLY B 205 -6.35 -17.89 18.20
CA GLY B 205 -5.70 -17.54 19.45
C GLY B 205 -5.27 -18.81 20.14
N PRO B 206 -4.19 -18.76 20.92
CA PRO B 206 -3.80 -19.89 21.73
C PRO B 206 -4.78 -20.01 22.85
N PHE B 207 -5.44 -18.91 23.20
CA PHE B 207 -6.46 -18.96 24.25
C PHE B 207 -7.87 -18.92 23.67
N ALA B 208 -7.98 -19.28 22.41
CA ALA B 208 -9.28 -19.28 21.77
C ALA B 208 -10.27 -19.99 22.66
N ALA B 209 -9.75 -21.02 23.32
CA ALA B 209 -10.57 -21.84 24.22
C ALA B 209 -11.40 -21.06 25.23
N ARG B 210 -10.90 -19.93 25.71
CA ARG B 210 -11.71 -19.15 26.63
C ARG B 210 -12.21 -17.85 26.03
N ALA B 211 -11.88 -17.59 24.77
CA ALA B 211 -12.33 -16.36 24.13
C ALA B 211 -13.71 -16.56 23.54
N LEU B 212 -13.98 -17.76 23.04
CA LEU B 212 -15.29 -18.07 22.52
C LEU B 212 -16.35 -17.95 23.63
N PRO B 213 -16.10 -18.54 24.79
CA PRO B 213 -17.08 -18.43 25.86
C PRO B 213 -17.29 -16.94 26.16
N LEU B 214 -16.20 -16.17 26.24
CA LEU B 214 -16.29 -14.76 26.60
C LEU B 214 -17.23 -14.03 25.65
N LEU B 215 -17.13 -14.42 24.38
CA LEU B 215 -18.00 -13.94 23.34
C LEU B 215 -19.47 -14.08 23.78
N ALA B 216 -19.73 -15.04 24.64
CA ALA B 216 -21.10 -15.25 25.11
C ALA B 216 -21.40 -14.51 26.40
N GLU B 217 -20.57 -14.66 27.43
CA GLU B 217 -20.79 -13.92 28.69
C GLU B 217 -20.74 -12.41 28.53
N THR B 218 -20.16 -11.90 27.45
CA THR B 218 -20.36 -10.50 27.08
C THR B 218 -21.54 -10.51 26.15
N GLY B 219 -22.09 -9.34 25.90
CA GLY B 219 -23.23 -9.27 25.01
C GLY B 219 -22.95 -9.52 23.53
N LEU B 220 -21.68 -9.77 23.16
CA LEU B 220 -21.22 -9.68 21.77
C LEU B 220 -21.87 -10.68 20.81
N ASN B 221 -21.98 -11.90 21.28
CA ASN B 221 -22.78 -12.90 20.64
C ASN B 221 -24.10 -12.26 20.20
N ALA B 222 -24.65 -12.71 19.07
CA ALA B 222 -25.97 -12.24 18.60
C ALA B 222 -25.95 -10.77 18.19
N TYR B 223 -24.77 -10.32 17.74
CA TYR B 223 -24.64 -9.17 16.84
C TYR B 223 -23.54 -9.54 15.84
N LEU B 224 -22.92 -10.70 16.09
CA LEU B 224 -22.05 -11.38 15.16
C LEU B 224 -22.87 -12.36 14.35
N PRO B 225 -22.62 -12.40 13.05
CA PRO B 225 -23.37 -13.21 12.10
C PRO B 225 -23.54 -14.68 12.44
N GLY B 226 -24.78 -15.12 12.50
CA GLY B 226 -25.12 -16.53 12.71
C GLY B 226 -24.86 -17.01 14.12
N LEU B 227 -24.44 -16.12 15.01
CA LEU B 227 -24.20 -16.47 16.40
C LEU B 227 -25.36 -15.92 17.22
N ALA B 228 -26.56 -16.14 16.70
CA ALA B 228 -27.79 -15.76 17.36
C ALA B 228 -28.10 -16.81 18.42
N GLY B 229 -28.08 -16.40 19.68
CA GLY B 229 -28.41 -17.28 20.79
C GLY B 229 -27.67 -18.62 20.88
N LYS B 230 -26.48 -18.73 20.29
CA LYS B 230 -25.72 -19.97 20.38
C LYS B 230 -24.90 -20.01 21.67
N GLU B 231 -25.37 -19.30 22.69
CA GLU B 231 -24.66 -19.13 23.95
C GLU B 231 -24.23 -20.47 24.53
N LYS B 232 -25.16 -21.42 24.57
CA LYS B 232 -24.88 -22.74 25.12
C LYS B 232 -23.68 -23.31 24.42
N GLN B 233 -23.75 -23.24 23.09
CA GLN B 233 -22.77 -23.80 22.19
C GLN B 233 -21.36 -23.21 22.33
N LEU B 234 -21.27 -21.89 22.43
CA LEU B 234 -20.02 -21.17 22.65
C LEU B 234 -19.34 -21.49 23.98
N ARG B 235 -20.12 -21.92 24.95
CA ARG B 235 -19.52 -22.25 26.21
C ARG B 235 -18.88 -23.62 26.12
N LEU B 236 -19.59 -24.61 25.56
CA LEU B 236 -19.04 -25.96 25.44
C LEU B 236 -17.87 -25.97 24.49
N ALA B 237 -17.75 -24.91 23.70
CA ALA B 237 -16.62 -24.73 22.81
C ALA B 237 -15.32 -24.73 23.60
N ALA B 238 -15.36 -24.39 24.87
CA ALA B 238 -14.14 -24.34 25.62
C ALA B 238 -13.42 -25.65 25.66
N ALA B 239 -14.10 -26.73 25.30
CA ALA B 239 -13.51 -28.06 25.40
C ALA B 239 -12.76 -28.52 24.16
N TYR B 240 -12.86 -27.75 23.08
CA TYR B 240 -12.21 -28.10 21.83
C TYR B 240 -10.74 -27.73 21.80
N ARG B 241 -9.91 -28.64 21.32
CA ARG B 241 -8.48 -28.44 21.24
C ARG B 241 -8.12 -27.42 20.09
N TRP B 242 -8.77 -26.23 20.07
CA TRP B 242 -8.61 -25.20 18.98
C TRP B 242 -7.21 -25.00 18.45
N PRO B 243 -6.27 -24.67 19.31
CA PRO B 243 -4.91 -24.53 18.87
C PRO B 243 -4.34 -25.69 18.10
N TRP B 244 -4.87 -26.91 17.90
CA TRP B 244 -4.15 -27.68 16.85
C TRP B 244 -4.58 -27.40 15.43
N LEU B 245 -5.69 -26.68 15.28
CA LEU B 245 -6.07 -26.23 13.97
C LEU B 245 -4.95 -25.35 13.42
N ALA B 246 -4.40 -25.73 12.27
CA ALA B 246 -3.27 -25.05 11.73
C ALA B 246 -3.71 -24.13 10.59
N ALA B 247 -4.97 -24.23 10.20
CA ALA B 247 -5.44 -23.55 8.98
C ALA B 247 -6.80 -22.82 9.06
N ARG B 248 -6.91 -21.74 8.31
CA ARG B 248 -8.15 -20.98 8.20
C ARG B 248 -9.43 -21.85 8.04
N GLU B 249 -9.47 -22.67 7.02
CA GLU B 249 -10.61 -23.54 6.77
C GLU B 249 -10.90 -24.49 7.96
N GLU B 250 -9.81 -25.09 8.48
CA GLU B 250 -9.87 -26.06 9.59
C GLU B 250 -10.62 -25.37 10.72
N ARG B 251 -10.36 -24.08 10.88
CA ARG B 251 -10.90 -23.29 12.00
C ARG B 251 -12.38 -23.11 11.82
N TRP B 252 -12.76 -22.40 10.76
CA TRP B 252 -14.18 -22.22 10.45
C TRP B 252 -15.01 -23.53 10.49
N ALA B 253 -14.44 -24.58 9.89
CA ALA B 253 -15.06 -25.91 9.92
C ALA B 253 -15.44 -26.26 11.36
N LEU B 254 -14.41 -26.31 12.21
CA LEU B 254 -14.60 -26.65 13.60
C LEU B 254 -15.56 -25.68 14.29
N LEU B 255 -15.46 -24.37 14.02
CA LEU B 255 -16.44 -23.42 14.58
C LEU B 255 -17.82 -23.90 14.24
N CYS B 256 -18.02 -24.29 12.99
CA CYS B 256 -19.33 -24.73 12.61
C CYS B 256 -19.68 -25.93 13.48
N HIS B 257 -18.87 -26.97 13.39
CA HIS B 257 -19.14 -28.23 14.09
C HIS B 257 -19.50 -27.97 15.53
N ALA B 258 -18.80 -27.05 16.16
CA ALA B 258 -19.05 -26.79 17.56
C ALA B 258 -20.30 -25.97 17.79
N LEU B 259 -20.75 -25.20 16.82
CA LEU B 259 -22.02 -24.51 17.03
C LEU B 259 -23.18 -25.34 16.54
N GLY B 260 -22.93 -26.60 16.21
CA GLY B 260 -23.94 -27.45 15.57
C GLY B 260 -24.52 -26.84 14.30
N VAL B 261 -23.71 -26.14 13.52
CA VAL B 261 -24.18 -25.46 12.31
C VAL B 261 -24.63 -26.48 11.28
N GLN B 262 -25.87 -26.32 10.83
CA GLN B 262 -26.54 -27.25 9.94
C GLN B 262 -26.00 -27.19 8.52
N GLU B 263 -26.26 -26.09 7.82
CA GLU B 263 -25.69 -25.89 6.48
C GLU B 263 -24.55 -24.91 6.57
N SER B 264 -23.33 -25.38 6.28
CA SER B 264 -22.15 -24.54 6.40
C SER B 264 -22.24 -23.29 5.52
N ARG B 265 -22.75 -23.46 4.31
CA ARG B 265 -22.71 -22.46 3.23
C ARG B 265 -23.29 -21.07 3.56
N PRO B 266 -24.55 -20.98 4.01
CA PRO B 266 -25.14 -19.66 4.29
C PRO B 266 -24.47 -18.99 5.46
N PHE B 267 -23.93 -19.77 6.38
CA PHE B 267 -23.28 -19.25 7.58
C PHE B 267 -21.95 -18.59 7.23
N LEU B 268 -21.04 -19.36 6.66
CA LEU B 268 -19.72 -18.87 6.37
C LEU B 268 -19.82 -17.76 5.36
N ARG B 269 -20.96 -17.70 4.67
CA ARG B 269 -21.13 -16.69 3.67
C ARG B 269 -21.48 -15.40 4.38
N ALA B 270 -22.28 -15.54 5.43
CA ALA B 270 -22.77 -14.39 6.14
C ALA B 270 -21.61 -13.69 6.80
N TRP B 271 -20.50 -14.40 6.95
CA TRP B 271 -19.29 -13.81 7.50
C TRP B 271 -18.46 -13.16 6.43
N LYS B 272 -18.94 -13.21 5.20
CA LYS B 272 -18.26 -12.59 4.04
C LYS B 272 -16.82 -13.09 3.77
N LEU B 273 -16.54 -14.30 4.24
CA LEU B 273 -15.31 -15.03 3.93
C LEU B 273 -15.24 -15.26 2.42
N PRO B 274 -14.05 -15.30 1.82
CA PRO B 274 -13.96 -15.54 0.37
C PRO B 274 -14.48 -16.92 -0.04
N ASN B 275 -14.98 -17.05 -1.26
CA ASN B 275 -15.65 -18.29 -1.68
C ASN B 275 -14.84 -19.54 -1.49
N LYS B 276 -13.59 -19.54 -1.94
CA LYS B 276 -12.74 -20.72 -1.84
C LYS B 276 -12.67 -21.32 -0.41
N VAL B 277 -12.71 -20.45 0.61
CA VAL B 277 -12.62 -20.82 2.01
C VAL B 277 -13.97 -21.38 2.41
N VAL B 278 -15.02 -20.70 2.03
CA VAL B 278 -16.34 -21.21 2.38
C VAL B 278 -16.56 -22.63 1.81
N ASP B 279 -16.10 -22.83 0.58
CA ASP B 279 -16.22 -24.10 -0.12
C ASP B 279 -15.44 -25.17 0.63
N GLU B 280 -14.13 -24.99 0.64
CA GLU B 280 -13.24 -25.87 1.38
C GLU B 280 -13.63 -26.16 2.83
N ALA B 281 -14.21 -25.20 3.52
CA ALA B 281 -14.58 -25.48 4.90
C ALA B 281 -15.72 -26.49 4.88
N GLY B 282 -16.70 -26.22 4.01
CA GLY B 282 -17.84 -27.10 3.82
C GLY B 282 -17.34 -28.48 3.43
N ALA B 283 -16.32 -28.52 2.56
CA ALA B 283 -15.77 -29.79 2.08
C ALA B 283 -15.35 -30.63 3.27
N ILE B 284 -14.55 -30.02 4.14
CA ILE B 284 -14.02 -30.68 5.32
C ILE B 284 -15.18 -31.13 6.17
N LEU B 285 -16.11 -30.20 6.38
CA LEU B 285 -17.21 -30.46 7.26
C LEU B 285 -17.96 -31.66 6.76
N THR B 286 -18.21 -31.70 5.45
CA THR B 286 -19.01 -32.76 4.83
C THR B 286 -18.28 -34.07 4.99
N ALA B 287 -17.05 -34.15 4.48
CA ALA B 287 -16.19 -35.33 4.68
C ALA B 287 -16.27 -35.90 6.12
N LEU B 288 -16.33 -35.00 7.09
CA LEU B 288 -16.32 -35.37 8.49
C LEU B 288 -17.63 -36.03 8.86
N ALA B 289 -18.73 -35.53 8.32
CA ALA B 289 -20.01 -36.20 8.52
C ALA B 289 -19.96 -37.59 7.86
N ASP B 290 -19.29 -37.68 6.72
CA ASP B 290 -19.26 -38.90 5.94
C ASP B 290 -18.25 -39.93 6.44
N ILE B 291 -17.25 -39.50 7.18
CA ILE B 291 -16.32 -40.47 7.73
C ILE B 291 -16.28 -40.28 9.24
N PRO B 292 -16.93 -41.16 10.01
CA PRO B 292 -17.04 -40.93 11.45
C PRO B 292 -15.90 -41.53 12.23
N ARG B 293 -15.03 -42.30 11.59
CA ARG B 293 -13.83 -42.85 12.24
C ARG B 293 -12.59 -42.85 11.30
N PRO B 294 -11.40 -42.49 11.80
CA PRO B 294 -10.17 -42.43 10.98
C PRO B 294 -9.82 -43.70 10.19
N GLU B 295 -10.12 -44.87 10.74
CA GLU B 295 -9.94 -46.13 10.02
C GLU B 295 -10.86 -46.22 8.81
N ALA B 296 -12.02 -45.54 8.86
CA ALA B 296 -13.08 -45.67 7.86
C ALA B 296 -12.77 -45.10 6.48
N TRP B 297 -11.62 -44.46 6.30
CA TRP B 297 -11.31 -43.78 5.04
C TRP B 297 -11.15 -44.79 3.93
N THR B 298 -11.68 -44.51 2.74
CA THR B 298 -11.62 -45.42 1.60
C THR B 298 -10.77 -44.86 0.53
N ASN B 299 -10.01 -45.72 -0.13
CA ASN B 299 -9.29 -45.27 -1.29
C ASN B 299 -10.18 -44.30 -2.07
N GLU B 300 -11.44 -44.65 -2.27
CA GLU B 300 -12.34 -43.79 -3.01
C GLU B 300 -12.33 -42.40 -2.40
N GLN B 301 -12.72 -42.29 -1.14
CA GLN B 301 -12.97 -40.99 -0.54
C GLN B 301 -11.70 -40.21 -0.41
N LEU B 302 -10.61 -40.90 -0.08
CA LEU B 302 -9.30 -40.27 0.02
C LEU B 302 -8.89 -39.71 -1.32
N PHE B 303 -8.95 -40.52 -2.37
CA PHE B 303 -8.73 -40.05 -3.74
C PHE B 303 -9.62 -38.87 -4.04
N SER B 304 -10.86 -38.99 -3.62
CA SER B 304 -11.83 -37.97 -3.90
C SER B 304 -11.47 -36.69 -3.22
N ALA B 305 -10.89 -36.77 -2.04
CA ALA B 305 -10.64 -35.58 -1.27
C ALA B 305 -9.29 -34.96 -1.54
N GLY B 306 -8.30 -35.77 -1.91
CA GLY B 306 -6.94 -35.28 -2.07
C GLY B 306 -6.23 -35.08 -0.73
N LEU B 307 -4.93 -35.42 -0.68
CA LEU B 307 -4.26 -35.58 0.61
C LEU B 307 -4.55 -34.44 1.59
N GLU B 308 -4.21 -33.21 1.20
CA GLU B 308 -4.47 -32.06 2.05
C GLU B 308 -5.81 -32.15 2.83
N ARG B 309 -6.92 -32.25 2.13
CA ARG B 309 -8.16 -32.06 2.84
C ARG B 309 -8.44 -33.21 3.80
N ALA B 310 -7.94 -34.37 3.44
CA ALA B 310 -8.12 -35.55 4.30
C ALA B 310 -7.42 -35.27 5.62
N LEU B 311 -6.23 -34.67 5.50
CA LEU B 311 -5.42 -34.32 6.65
C LEU B 311 -6.17 -33.33 7.49
N SER B 312 -6.80 -32.38 6.83
CA SER B 312 -7.48 -31.36 7.61
C SER B 312 -8.64 -31.98 8.32
N VAL B 313 -9.31 -32.93 7.68
CA VAL B 313 -10.42 -33.60 8.31
C VAL B 313 -9.95 -34.25 9.61
N GLU B 314 -8.88 -35.01 9.51
CA GLU B 314 -8.37 -35.71 10.68
C GLU B 314 -7.90 -34.78 11.78
N THR B 315 -7.39 -33.60 11.42
CA THR B 315 -7.04 -32.54 12.37
C THR B 315 -8.27 -31.97 13.04
N VAL B 316 -9.28 -31.61 12.26
CA VAL B 316 -10.49 -31.07 12.84
C VAL B 316 -11.11 -32.13 13.73
N ARG B 317 -11.08 -33.38 13.32
CA ARG B 317 -11.59 -34.43 14.18
C ARG B 317 -10.80 -34.42 15.47
N ALA B 318 -9.48 -34.35 15.38
CA ALA B 318 -8.68 -34.44 16.58
C ALA B 318 -9.05 -33.33 17.57
N ALA B 319 -9.35 -32.14 17.04
CA ALA B 319 -9.58 -30.95 17.88
C ALA B 319 -10.87 -31.10 18.64
N PHE B 320 -11.71 -31.99 18.16
CA PHE B 320 -12.97 -32.28 18.78
C PHE B 320 -12.85 -33.48 19.76
N THR B 321 -12.07 -34.51 19.42
CA THR B 321 -11.94 -35.76 20.23
C THR B 321 -10.88 -35.68 21.35
N GLY B 322 -9.73 -35.11 21.05
CA GLY B 322 -8.61 -35.11 21.96
C GLY B 322 -7.58 -36.10 21.48
N ALA B 323 -7.92 -36.97 20.54
CA ALA B 323 -6.92 -37.92 20.04
C ALA B 323 -6.04 -37.23 19.03
N PRO B 324 -4.74 -37.19 19.32
CA PRO B 324 -3.80 -36.50 18.44
C PRO B 324 -3.86 -37.10 17.01
N PRO B 325 -3.76 -36.29 15.96
CA PRO B 325 -3.95 -36.75 14.59
C PRO B 325 -2.70 -37.43 14.07
N GLY B 326 -1.57 -37.14 14.70
CA GLY B 326 -0.28 -37.75 14.40
C GLY B 326 -0.36 -39.06 13.62
N PRO B 327 -0.70 -40.16 14.31
CA PRO B 327 -0.71 -41.48 13.67
C PRO B 327 -1.56 -41.53 12.39
N TRP B 328 -2.72 -40.85 12.36
CA TRP B 328 -3.62 -40.90 11.20
C TRP B 328 -3.03 -40.17 10.04
N HIS B 329 -2.53 -38.98 10.31
CA HIS B 329 -1.93 -38.16 9.27
C HIS B 329 -0.90 -38.99 8.58
N GLU B 330 -0.19 -39.80 9.36
CA GLU B 330 0.89 -40.60 8.83
C GLU B 330 0.41 -41.77 7.97
N LYS B 331 -0.72 -42.38 8.36
CA LYS B 331 -1.27 -43.45 7.56
C LYS B 331 -1.88 -42.88 6.29
N LEU B 332 -2.52 -41.71 6.40
CA LEU B 332 -3.11 -41.08 5.24
C LEU B 332 -2.03 -40.73 4.25
N ARG B 333 -0.93 -40.17 4.72
CA ARG B 333 0.19 -39.85 3.84
C ARG B 333 0.66 -41.06 3.05
N ARG B 334 0.73 -42.20 3.72
CA ARG B 334 1.14 -43.47 3.15
C ARG B 334 0.14 -44.02 2.15
N ARG B 335 -1.11 -44.09 2.59
CA ARG B 335 -2.16 -44.55 1.71
C ARG B 335 -2.19 -43.72 0.44
N PHE B 336 -2.24 -42.40 0.60
CA PHE B 336 -2.36 -41.55 -0.56
C PHE B 336 -1.26 -41.79 -1.57
N ALA B 337 -0.06 -42.07 -1.10
CA ALA B 337 1.08 -42.22 -2.00
C ALA B 337 1.11 -43.59 -2.64
N SER B 338 0.18 -44.48 -2.27
CA SER B 338 0.03 -45.78 -2.92
C SER B 338 -1.24 -45.87 -3.73
N LEU B 339 -2.01 -44.79 -3.78
CA LEU B 339 -3.19 -44.78 -4.59
C LEU B 339 -2.77 -44.96 -6.02
N PRO B 340 -3.28 -46.01 -6.65
CA PRO B 340 -2.96 -46.35 -8.04
C PRO B 340 -3.01 -45.19 -9.01
N ILE B 341 -3.90 -44.23 -8.79
CA ILE B 341 -3.85 -42.93 -9.43
C ILE B 341 -4.22 -41.86 -8.41
N LYS B 342 -3.74 -40.64 -8.61
CA LYS B 342 -3.98 -39.61 -7.63
C LYS B 342 -4.84 -38.46 -8.08
N THR B 343 -4.99 -38.29 -9.38
CA THR B 343 -5.94 -37.33 -9.96
C THR B 343 -6.69 -38.04 -11.07
N LYS B 344 -7.77 -37.44 -11.53
CA LYS B 344 -8.60 -38.06 -12.58
C LYS B 344 -7.87 -37.96 -13.91
N GLY B 345 -6.91 -37.04 -13.99
CA GLY B 345 -6.20 -36.79 -15.23
C GLY B 345 -5.14 -37.81 -15.52
N GLU B 346 -4.69 -38.50 -14.47
CA GLU B 346 -3.82 -39.66 -14.64
C GLU B 346 -4.45 -40.87 -15.30
N LEU B 347 -5.79 -41.01 -15.25
CA LEU B 347 -6.48 -42.17 -15.84
C LEU B 347 -5.97 -42.54 -17.22
N ALA B 348 -5.61 -43.82 -17.44
CA ALA B 348 -4.95 -44.19 -18.69
C ALA B 348 -5.88 -44.22 -19.89
N VAL B 349 -7.13 -43.85 -19.64
CA VAL B 349 -8.19 -44.00 -20.62
C VAL B 349 -9.03 -42.75 -20.69
N ASN B 350 -9.54 -42.51 -21.85
CA ASN B 350 -9.99 -41.19 -22.13
C ASN B 350 -11.49 -41.29 -22.51
N GLY B 351 -12.29 -40.27 -22.23
CA GLY B 351 -13.68 -40.29 -22.65
C GLY B 351 -14.01 -40.72 -24.08
N LYS B 352 -13.09 -40.47 -25.01
CA LYS B 352 -13.33 -40.73 -26.40
C LYS B 352 -13.04 -42.18 -26.74
N ASP B 353 -12.12 -42.76 -26.01
CA ASP B 353 -11.88 -44.20 -26.07
C ASP B 353 -13.16 -45.01 -25.77
N VAL B 354 -13.82 -44.62 -24.69
CA VAL B 354 -14.99 -45.29 -24.22
C VAL B 354 -16.05 -45.23 -25.32
N ILE B 355 -16.11 -44.10 -26.00
CA ILE B 355 -17.05 -43.99 -27.10
C ILE B 355 -16.73 -45.00 -28.18
N GLU B 356 -15.50 -44.99 -28.68
CA GLU B 356 -15.14 -45.92 -29.75
C GLU B 356 -15.35 -47.42 -29.40
N TRP B 357 -15.31 -47.73 -28.10
CA TRP B 357 -15.36 -49.10 -27.63
C TRP B 357 -16.74 -49.62 -27.48
N VAL B 358 -17.61 -48.79 -26.98
CA VAL B 358 -18.96 -49.17 -26.71
C VAL B 358 -19.92 -48.92 -27.83
N GLY B 359 -19.47 -48.48 -29.02
CA GLY B 359 -20.38 -47.99 -30.07
C GLY B 359 -21.68 -47.23 -29.70
N LYS B 360 -21.56 -46.28 -28.78
CA LYS B 360 -22.70 -45.44 -28.42
C LYS B 360 -22.29 -43.97 -28.65
N PRO B 361 -23.19 -43.10 -29.14
CA PRO B 361 -22.84 -41.70 -29.43
C PRO B 361 -22.45 -40.95 -28.17
N ALA B 362 -21.77 -39.83 -28.30
CA ALA B 362 -21.36 -39.08 -27.11
C ALA B 362 -22.60 -38.69 -26.26
N GLY B 363 -22.42 -38.53 -24.95
CA GLY B 363 -23.52 -38.15 -24.05
C GLY B 363 -23.29 -38.32 -22.54
N PRO B 364 -24.34 -38.13 -21.72
CA PRO B 364 -24.24 -38.29 -20.26
C PRO B 364 -23.90 -39.69 -19.72
N TRP B 365 -23.98 -40.76 -20.52
CA TRP B 365 -23.55 -42.08 -20.03
C TRP B 365 -22.02 -42.18 -19.90
N VAL B 366 -21.32 -41.36 -20.68
CA VAL B 366 -19.85 -41.38 -20.74
C VAL B 366 -19.22 -41.04 -19.38
N LYS B 367 -19.67 -39.94 -18.77
CA LYS B 367 -19.30 -39.58 -17.40
C LYS B 367 -19.41 -40.81 -16.51
N GLU B 368 -20.64 -41.35 -16.40
CA GLU B 368 -20.91 -42.57 -15.62
C GLU B 368 -19.89 -43.69 -15.89
N ALA B 369 -19.48 -43.86 -17.13
CA ALA B 369 -18.49 -44.89 -17.47
C ALA B 369 -17.16 -44.57 -16.82
N LEU B 370 -16.60 -43.44 -17.21
CA LEU B 370 -15.34 -42.94 -16.68
C LEU B 370 -15.24 -42.95 -15.14
N ASP B 371 -16.32 -42.50 -14.51
CA ASP B 371 -16.56 -42.61 -13.07
C ASP B 371 -16.40 -44.06 -12.56
N ALA B 372 -17.14 -45.00 -13.13
CA ALA B 372 -16.98 -46.38 -12.73
C ALA B 372 -15.53 -46.89 -12.98
N ILE B 373 -14.91 -46.44 -14.07
CA ILE B 373 -13.52 -46.79 -14.36
C ILE B 373 -12.50 -46.28 -13.28
N TRP B 374 -12.42 -44.97 -13.05
CA TRP B 374 -11.46 -44.43 -12.06
C TRP B 374 -11.57 -45.17 -10.71
N ARG B 375 -12.82 -45.40 -10.28
CA ARG B 375 -13.09 -46.09 -9.05
C ARG B 375 -12.49 -47.48 -9.13
N ALA B 376 -12.59 -48.08 -10.29
CA ALA B 376 -12.13 -49.44 -10.39
C ALA B 376 -10.60 -49.47 -10.34
N VAL B 377 -9.97 -48.47 -10.97
CA VAL B 377 -8.52 -48.32 -10.92
C VAL B 377 -7.99 -48.05 -9.48
N VAL B 378 -8.69 -47.16 -8.78
CA VAL B 378 -8.32 -46.73 -7.44
C VAL B 378 -8.49 -47.85 -6.48
N ASN B 379 -9.60 -48.57 -6.61
CA ASN B 379 -9.80 -49.75 -5.79
C ASN B 379 -8.88 -50.86 -6.24
N GLY B 380 -8.16 -50.65 -7.35
CA GLY B 380 -7.19 -51.62 -7.82
C GLY B 380 -7.86 -52.91 -8.29
N GLU B 381 -9.07 -52.77 -8.82
CA GLU B 381 -9.79 -53.88 -9.40
C GLU B 381 -9.23 -54.13 -10.80
N VAL B 382 -8.59 -53.12 -11.37
CA VAL B 382 -7.99 -53.22 -12.70
C VAL B 382 -6.88 -52.20 -12.82
N GLU B 383 -5.77 -52.62 -13.42
CA GLU B 383 -4.64 -51.73 -13.62
C GLU B 383 -5.04 -50.48 -14.37
N ASN B 384 -4.31 -49.40 -14.16
CA ASN B 384 -4.44 -48.24 -15.03
C ASN B 384 -3.66 -48.40 -16.37
N GLU B 385 -4.16 -49.26 -17.25
CA GLU B 385 -3.64 -49.43 -18.59
C GLU B 385 -4.81 -49.60 -19.61
N LYS B 386 -4.63 -49.08 -20.82
CA LYS B 386 -5.68 -49.07 -21.85
C LYS B 386 -6.22 -50.49 -22.05
N GLU B 387 -5.38 -51.37 -22.57
CA GLU B 387 -5.78 -52.71 -22.91
C GLU B 387 -6.56 -53.38 -21.78
N ARG B 388 -6.15 -53.15 -20.54
CA ARG B 388 -6.82 -53.85 -19.47
C ARG B 388 -8.14 -53.21 -19.06
N ILE B 389 -8.24 -51.89 -19.20
CA ILE B 389 -9.52 -51.23 -18.93
C ILE B 389 -10.53 -51.66 -19.98
N TYR B 390 -10.12 -51.59 -21.24
CA TYR B 390 -10.96 -52.06 -22.33
C TYR B 390 -11.63 -53.41 -21.96
N ALA B 391 -10.81 -54.41 -21.64
CA ALA B 391 -11.33 -55.73 -21.32
C ALA B 391 -12.29 -55.57 -20.17
N TRP B 392 -11.82 -54.84 -19.16
CA TRP B 392 -12.60 -54.62 -17.96
C TRP B 392 -13.99 -54.09 -18.34
N LEU B 393 -14.01 -53.06 -19.18
CA LEU B 393 -15.24 -52.39 -19.53
C LEU B 393 -16.13 -53.27 -20.45
N MSE B 394 -15.53 -53.86 -21.48
CA MSE B 394 -16.22 -54.83 -22.31
C MSE B 394 -16.87 -55.94 -21.55
O MSE B 394 -17.97 -56.37 -21.92
CB MSE B 394 -15.24 -55.47 -23.25
CG MSE B 394 -15.04 -54.77 -24.58
SE MSE B 394 -16.11 -53.15 -25.04
CE MSE B 394 -17.46 -54.10 -26.24
N GLU B 395 -16.21 -56.42 -20.51
CA GLU B 395 -16.74 -57.54 -19.80
C GLU B 395 -17.77 -57.14 -18.80
N ARG B 396 -17.79 -55.86 -18.47
CA ARG B 396 -18.72 -55.42 -17.47
C ARG B 396 -19.97 -54.93 -18.13
N ASN B 397 -19.93 -54.77 -19.45
CA ASN B 397 -21.14 -54.44 -20.22
C ASN B 397 -22.02 -55.64 -20.60
N ARG B 398 -21.44 -56.83 -20.75
CA ARG B 398 -22.26 -58.04 -20.91
C ARG B 398 -22.73 -58.64 -19.56
N THR B 399 -22.20 -58.10 -18.44
CA THR B 399 -22.65 -58.43 -17.08
C THR B 399 -23.94 -57.67 -16.72
N ARG B 400 -24.03 -56.40 -17.13
CA ARG B 400 -25.28 -55.63 -16.98
C ARG B 400 -26.44 -56.25 -17.79
N GLU B 401 -26.10 -57.03 -18.83
CA GLU B 401 -27.08 -57.81 -19.62
C GLU B 401 -27.57 -59.06 -18.91
N LYS B 402 -26.64 -59.78 -18.28
CA LYS B 402 -26.94 -60.98 -17.49
C LYS B 402 -27.71 -60.70 -16.17
N ASN B 403 -27.73 -59.42 -15.74
CA ASN B 403 -28.39 -58.98 -14.50
C ASN B 403 -29.88 -58.53 -14.60
N CYS B 404 -30.25 -57.83 -15.68
CA CYS B 404 -31.66 -57.43 -15.86
C CYS B 404 -32.32 -58.07 -17.10
MG MG C . 4.44 2.15 -15.00
MG MG D . 9.23 -1.70 -8.13
PG ATP E . 5.34 5.12 -16.48
O1G ATP E . 5.91 4.14 -15.56
O2G ATP E . 6.37 6.09 -17.03
O3G ATP E . 4.35 6.02 -15.77
PB ATP E . 3.32 3.74 -17.59
O1B ATP E . 2.35 4.58 -18.27
O2B ATP E . 3.04 2.40 -18.25
O3B ATP E . 4.77 4.32 -17.71
PA ATP E . 1.70 3.93 -15.43
O1A ATP E . 2.07 3.79 -14.03
O2A ATP E . 0.81 5.17 -15.64
O3A ATP E . 3.16 3.76 -16.07
O5' ATP E . 1.07 2.54 -15.85
C5' ATP E . -0.22 2.58 -16.28
C4' ATP E . -0.30 1.36 -17.12
O4' ATP E . -1.65 1.11 -17.02
C3' ATP E . -0.05 1.85 -18.52
O3' ATP E . 1.01 1.12 -19.02
C2' ATP E . -1.33 1.51 -19.24
O2' ATP E . -1.29 0.15 -19.62
C1' ATP E . -2.36 1.64 -18.13
N9 ATP E . -3.01 2.98 -17.84
C8 ATP E . -2.67 3.93 -16.91
N7 ATP E . -3.55 4.96 -16.94
C5 ATP E . -4.46 4.68 -17.90
C6 ATP E . -5.58 5.36 -18.39
N6 ATP E . -5.86 6.57 -17.94
N1 ATP E . -6.36 4.84 -19.38
C2 ATP E . -6.02 3.62 -19.91
N3 ATP E . -4.91 2.97 -19.45
C4 ATP E . -4.14 3.46 -18.46
MG MG F . 0.17 -4.31 15.16
MG MG G . 7.06 -5.23 8.93
PG ATP H . -1.50 -6.76 16.58
O1G ATP H . -0.26 -6.52 15.78
O2G ATP H . -1.59 -8.15 17.20
O3G ATP H . -2.77 -6.63 15.74
PB ATP H . -1.95 -4.21 17.58
O1B ATP H . -3.33 -4.03 18.04
O2B ATP H . -1.10 -3.14 18.25
O3B ATP H . -1.42 -5.71 17.78
PA ATP H . -2.92 -3.31 15.14
O1A ATP H . -2.38 -3.70 13.84
O2A ATP H . -4.46 -3.53 15.34
O3A ATP H . -1.84 -4.14 16.01
O5' ATP H . -2.52 -1.81 15.37
C5' ATP H . -3.46 -1.00 15.93
C4' ATP H . -2.68 -0.06 16.79
O4' ATP H . -3.29 1.19 16.64
C3' ATP H . -2.94 -0.50 18.21
O3' ATP H . -1.70 -0.66 18.79
C2' ATP H . -3.70 0.65 18.81
O2' ATP H . -2.72 1.54 19.26
C1' ATP H . -4.31 1.33 17.62
N9 ATP H . -5.66 0.82 17.21
C8 ATP H . -6.02 -0.13 16.28
N7 ATP H . -7.37 -0.23 16.19
C5 ATP H . -7.89 0.67 17.06
C6 ATP H . -9.18 1.03 17.41
N6 ATP H . -10.22 0.44 16.87
N1 ATP H . -9.43 2.01 18.35
C2 ATP H . -8.37 2.66 18.95
N3 ATP H . -7.07 2.29 18.59
C4 ATP H . -6.82 1.33 17.68
#